data_6XMU
#
_entry.id   6XMU
#
_cell.length_a   1.00
_cell.length_b   1.00
_cell.length_c   1.00
_cell.angle_alpha   90.00
_cell.angle_beta   90.00
_cell.angle_gamma   90.00
#
_symmetry.space_group_name_H-M   'P 1'
#
loop_
_entity.id
_entity.type
_entity.pdbx_description
1 polymer 'P5A-type ATPase'
2 polymer 'Putative endogenous substrate transmembrane helix'
3 non-polymer 'BERYLLIUM TRIFLUORIDE ION'
4 non-polymer 'MAGNESIUM ION'
#
loop_
_entity_poly.entity_id
_entity_poly.type
_entity_poly.pdbx_seq_one_letter_code
_entity_poly.pdbx_strand_id
1 'polypeptide(L)'
;MTKKSFVSSPIVRDSTLLVPKSLIAKPYVLPFFPLYATFAQLYFQQYDRYIKGPEWTFVYLGTLVSLNILVMLMPAWNVK
IKAKFNYSTTKNVNEATHILIYTTPNNGSDGIVEIQRVTEAGSLQTFFQFQKKRFLWHENEQVFSSPKFLVDESPKIGDF
QKCKGHSGDLTHLKRLYGENSFDIPIPTFMELFKEHAVAPLFVFQVFCVALWLLDEFWYYSLFNLFMIISMEAAAVFQRL
TALKEFRTMGIKPYTINVFRNKKWVALQTNELLPMDLVSITRTAEESAIPCDLILLDGSAIVNEAMLSGESTPLLKESIK
LRPSEDNLQLDGVDKIAVLHGGTKALQVTPPEHKSDIPPPPDGGALAIVTKTGFETSQGSLVRVMIYSAERVSVDNKEAL
MFILFLLIFAVIASWYVWVEGTKMGRIQSKLILDCILIITSVVPPELPMELTMAVNSSLAALAKFYVYCTEPFRIPFAGR
IDVCCFDKTGTLTGEDLVFEGLAGISADSENIRHLYSAAEAPESTILVIGAAHALVKLEDGDIVGDPMEKATLKAVGWAV
ERKNSNYREGTGKLDIIRRFQFSSALKRSASIASHNDALFAAVKGAPETIRERLSDIPKNYDEIYKSFTRSGSRVLALAS
KSLPKMSQSKIDDLNRDDVESELTFNGFLIFHCPLKDDAIETIKMLNESSHRSIMITGDNPLTAVHVAKEVGIVFGETLI
LDRAGKSDDNQLLFRDVEETVSIPFDPSKDTFDHSKLFDRYDIAVTGYALNALEGHSQLRDLLRHTWVYARVSPSQKEFL
LNTLKDMGYQTLMCGDGTNDVGALKQAHVGIALLNGTEEGLKKLGEQRRLEGMKMMYIKQTEFMARWNQPQPPVPEPIAH
LFPPGPKNPHYLKALESKGTVITPEIRKAVEEANSKPVEVIKPNGLSEKKPADLASLLLNSAGDAQGDEAPALKLGDASC
AAPFTSKLANVSAVTNIIRQGRCALVNTIQMYKILALNCLISAYSLSIIYMAGVKFGDGQATVSGLLLSVCFLSISRGKP
LEKLSKQRPQSGIFNVYIMGSILSQFAVHIATLVYITTEIYKLEPREPQVDLEKEFAPSLLNTGIFIIQLVQQVSTFAVN
YQGEPFRENIRSNKGMYYGLLGVTGLALASATEFLPELNEAMKFVPMTDDFKIKLTLTLLLDFFGSWGVEHFFKFFFMDD
KPSDISVQQVKIASKGATGGSTAGGATTASGTGENLYFQ
;
A
2 'polypeptide(L)'
;(UNK)(UNK)(UNK)(UNK)(UNK)(UNK)(UNK)(UNK)(UNK)(UNK)(UNK)(UNK)(UNK)(UNK)(UNK)(UNK)
(UNK)(UNK)(UNK)(UNK)
;
B
#
loop_
_chem_comp.id
_chem_comp.type
_chem_comp.name
_chem_comp.formula
BEF non-polymer 'BERYLLIUM TRIFLUORIDE ION' 'Be F3 -1'
MG non-polymer 'MAGNESIUM ION' 'Mg 2'
#
# COMPACT_ATOMS: atom_id res chain seq x y z
N LYS A 4 -14.22 -18.09 38.28
CA LYS A 4 -14.04 -18.09 36.84
C LYS A 4 -13.66 -16.70 36.33
N SER A 5 -12.77 -16.67 35.36
CA SER A 5 -12.28 -15.39 34.83
C SER A 5 -13.34 -14.75 33.95
N PHE A 6 -13.28 -13.43 33.86
CA PHE A 6 -14.15 -12.71 32.93
C PHE A 6 -13.43 -11.41 32.55
N VAL A 7 -12.79 -11.42 31.38
CA VAL A 7 -12.12 -10.21 30.91
C VAL A 7 -13.16 -9.13 30.64
N SER A 8 -12.80 -7.89 30.97
CA SER A 8 -13.72 -6.75 30.89
C SER A 8 -13.05 -5.65 30.08
N SER A 9 -13.32 -5.62 28.78
CA SER A 9 -12.81 -4.58 27.90
C SER A 9 -13.74 -4.47 26.70
N PRO A 10 -13.77 -3.31 26.04
CA PRO A 10 -14.63 -3.15 24.85
C PRO A 10 -14.24 -4.06 23.70
N ILE A 11 -13.09 -4.72 23.75
CA ILE A 11 -12.70 -5.62 22.67
C ILE A 11 -13.35 -6.99 22.84
N VAL A 12 -13.39 -7.49 24.06
CA VAL A 12 -13.84 -8.85 24.30
C VAL A 12 -15.36 -8.91 24.37
N ARG A 13 -15.90 -10.08 24.11
CA ARG A 13 -17.32 -10.38 24.24
C ARG A 13 -17.62 -11.45 25.26
N ASP A 14 -16.85 -12.54 25.27
CA ASP A 14 -16.97 -13.58 26.28
C ASP A 14 -15.58 -14.18 26.50
N SER A 15 -15.45 -14.96 27.56
CA SER A 15 -14.16 -15.54 27.90
C SER A 15 -14.36 -16.81 28.71
N THR A 16 -13.70 -17.88 28.28
CA THR A 16 -13.77 -19.18 28.94
C THR A 16 -12.36 -19.66 29.24
N LEU A 17 -12.09 -19.96 30.51
CA LEU A 17 -10.79 -20.50 30.87
C LEU A 17 -10.62 -21.90 30.27
N LEU A 18 -9.36 -22.32 30.15
CA LEU A 18 -9.03 -23.62 29.58
C LEU A 18 -7.92 -24.26 30.39
N VAL A 19 -8.03 -25.58 30.60
CA VAL A 19 -6.96 -26.36 31.20
C VAL A 19 -6.63 -27.50 30.24
N PRO A 20 -5.36 -27.73 29.91
CA PRO A 20 -5.04 -28.71 28.87
C PRO A 20 -5.32 -30.13 29.31
N LYS A 21 -5.64 -30.97 28.32
CA LYS A 21 -5.88 -32.38 28.52
C LYS A 21 -4.65 -33.19 28.11
N SER A 22 -4.51 -34.36 28.70
CA SER A 22 -3.34 -35.20 28.45
C SER A 22 -3.35 -35.71 27.01
N LEU A 23 -2.28 -36.43 26.64
CA LEU A 23 -2.17 -36.96 25.29
C LEU A 23 -3.25 -37.99 25.00
N ILE A 24 -3.48 -38.90 25.95
CA ILE A 24 -4.53 -39.91 25.76
C ILE A 24 -5.91 -39.29 25.89
N ALA A 25 -6.02 -38.09 26.43
CA ALA A 25 -7.32 -37.45 26.59
C ALA A 25 -7.84 -36.81 25.31
N LYS A 26 -6.95 -36.51 24.36
CA LYS A 26 -7.40 -36.08 23.05
C LYS A 26 -8.40 -37.06 22.45
N PRO A 27 -9.45 -36.54 21.81
CA PRO A 27 -10.60 -37.30 21.28
C PRO A 27 -10.31 -38.28 20.16
N TYR A 28 -9.45 -37.97 19.20
CA TYR A 28 -9.23 -38.90 18.07
C TYR A 28 -8.53 -40.21 18.47
N VAL A 29 -7.54 -40.17 19.37
CA VAL A 29 -6.69 -41.34 19.69
C VAL A 29 -7.36 -42.53 20.42
N LEU A 30 -8.11 -42.30 21.51
CA LEU A 30 -8.63 -43.43 22.30
C LEU A 30 -9.61 -44.36 21.59
N PRO A 31 -10.61 -43.81 20.89
CA PRO A 31 -11.67 -44.52 20.17
C PRO A 31 -11.20 -45.33 18.97
N PHE A 32 -10.25 -44.81 18.21
CA PHE A 32 -9.78 -45.50 17.01
C PHE A 32 -9.18 -46.86 17.33
N PHE A 33 -8.77 -47.08 18.57
CA PHE A 33 -8.21 -48.38 18.93
C PHE A 33 -9.24 -49.51 18.79
N PRO A 34 -10.52 -49.35 19.18
CA PRO A 34 -11.49 -50.42 18.89
C PRO A 34 -11.62 -50.73 17.41
N LEU A 35 -11.61 -49.71 16.55
CA LEU A 35 -11.70 -49.95 15.11
C LEU A 35 -10.49 -50.68 14.58
N TYR A 36 -9.30 -50.31 15.08
CA TYR A 36 -8.09 -51.01 14.65
C TYR A 36 -8.10 -52.46 15.11
N ALA A 37 -8.59 -52.71 16.34
CA ALA A 37 -8.69 -54.09 16.81
C ALA A 37 -9.69 -54.88 16.00
N THR A 38 -10.82 -54.27 15.65
CA THR A 38 -11.80 -54.95 14.81
C THR A 38 -11.23 -55.27 13.44
N PHE A 39 -10.47 -54.33 12.85
CA PHE A 39 -9.85 -54.57 11.57
C PHE A 39 -8.81 -55.69 11.65
N ALA A 40 -8.04 -55.72 12.73
CA ALA A 40 -7.05 -56.79 12.90
C ALA A 40 -7.73 -58.14 13.06
N GLN A 41 -8.85 -58.18 13.78
CA GLN A 41 -9.58 -59.43 13.96
C GLN A 41 -10.19 -59.91 12.65
N LEU A 42 -10.78 -58.99 11.88
CA LEU A 42 -11.37 -59.36 10.60
C LEU A 42 -10.30 -59.81 9.61
N TYR A 43 -9.13 -59.17 9.65
CA TYR A 43 -8.05 -59.56 8.73
C TYR A 43 -7.51 -60.94 9.09
N PHE A 44 -7.46 -61.27 10.37
CA PHE A 44 -6.98 -62.58 10.80
C PHE A 44 -8.14 -63.47 11.24
N GLU A 55 -6.54 -57.46 -1.15
CA GLU A 55 -7.82 -57.68 -1.82
C GLU A 55 -8.74 -56.48 -1.64
N TRP A 56 -10.00 -56.75 -1.29
CA TRP A 56 -10.98 -55.68 -1.11
C TRP A 56 -10.82 -55.02 0.26
N THR A 57 -10.10 -55.66 1.17
CA THR A 57 -10.04 -55.17 2.55
C THR A 57 -8.98 -54.10 2.73
N PHE A 58 -8.06 -53.98 1.78
CA PHE A 58 -6.96 -53.03 1.95
C PHE A 58 -7.43 -51.59 1.84
N VAL A 59 -8.46 -51.35 1.01
CA VAL A 59 -9.01 -50.00 0.90
C VAL A 59 -9.62 -49.56 2.22
N TYR A 60 -10.05 -50.52 3.07
CA TYR A 60 -10.58 -50.16 4.37
C TYR A 60 -9.49 -49.63 5.30
N LEU A 61 -8.34 -50.30 5.35
CA LEU A 61 -7.21 -49.77 6.11
C LEU A 61 -6.77 -48.42 5.55
N GLY A 62 -6.78 -48.27 4.22
CA GLY A 62 -6.44 -47.01 3.63
C GLY A 62 -7.33 -45.87 4.09
N THR A 63 -8.66 -46.06 3.99
CA THR A 63 -9.57 -45.00 4.38
C THR A 63 -9.56 -44.78 5.89
N LEU A 64 -9.25 -45.82 6.67
CA LEU A 64 -9.17 -45.64 8.11
C LEU A 64 -7.97 -44.76 8.48
N VAL A 65 -6.80 -45.04 7.90
CA VAL A 65 -5.64 -44.17 8.11
C VAL A 65 -5.92 -42.76 7.64
N SER A 66 -6.61 -42.62 6.51
CA SER A 66 -6.91 -41.28 6.01
C SER A 66 -7.80 -40.51 6.98
N LEU A 67 -8.86 -41.16 7.49
CA LEU A 67 -9.77 -40.47 8.39
C LEU A 67 -9.06 -40.15 9.71
N ASN A 68 -8.17 -41.04 10.18
CA ASN A 68 -7.43 -40.75 11.39
C ASN A 68 -6.53 -39.53 11.21
N ILE A 69 -5.78 -39.49 10.10
CA ILE A 69 -4.91 -38.34 9.87
C ILE A 69 -5.74 -37.06 9.69
N LEU A 70 -6.95 -37.17 9.14
CA LEU A 70 -7.76 -35.99 8.96
C LEU A 70 -8.29 -35.48 10.30
N VAL A 71 -8.67 -36.39 11.19
CA VAL A 71 -9.14 -35.97 12.51
C VAL A 71 -7.96 -35.37 13.28
N MET A 72 -6.75 -35.87 13.02
CA MET A 72 -5.58 -35.31 13.70
C MET A 72 -5.35 -33.86 13.32
N LEU A 73 -5.58 -33.52 12.05
CA LEU A 73 -5.35 -32.16 11.56
C LEU A 73 -6.61 -31.27 11.55
N MET A 74 -7.73 -31.77 12.07
CA MET A 74 -8.98 -30.99 12.11
C MET A 74 -8.92 -29.69 12.91
N PRO A 75 -8.24 -29.65 14.05
CA PRO A 75 -8.19 -28.44 14.89
C PRO A 75 -7.58 -27.23 14.22
N ALA A 76 -6.54 -27.42 13.40
CA ALA A 76 -5.72 -26.31 12.93
C ALA A 76 -6.51 -25.28 12.13
N TRP A 77 -7.66 -25.65 11.58
CA TRP A 77 -8.41 -24.71 10.75
C TRP A 77 -9.14 -23.67 11.60
N ASN A 78 -9.93 -24.11 12.56
CA ASN A 78 -10.73 -23.22 13.40
C ASN A 78 -10.21 -23.25 14.83
N VAL A 79 -10.11 -22.06 15.44
CA VAL A 79 -9.56 -21.98 16.79
C VAL A 79 -10.56 -22.51 17.82
N LYS A 80 -11.86 -22.32 17.58
CA LYS A 80 -12.87 -22.85 18.49
C LYS A 80 -12.82 -24.38 18.53
N ILE A 81 -12.61 -25.00 17.37
CA ILE A 81 -12.47 -26.45 17.32
C ILE A 81 -11.21 -26.89 18.08
N LYS A 82 -10.14 -26.09 17.97
CA LYS A 82 -8.92 -26.42 18.69
C LYS A 82 -9.13 -26.37 20.19
N ALA A 83 -9.86 -25.34 20.67
CA ALA A 83 -10.17 -25.26 22.10
C ALA A 83 -11.11 -26.38 22.52
N LYS A 84 -12.02 -26.81 21.63
CA LYS A 84 -12.92 -27.90 21.96
C LYS A 84 -12.17 -29.22 22.07
N PHE A 85 -11.15 -29.41 21.23
CA PHE A 85 -10.45 -30.70 21.22
C PHE A 85 -9.36 -30.78 22.28
N ASN A 86 -8.44 -29.81 22.30
CA ASN A 86 -7.25 -29.95 23.14
C ASN A 86 -7.55 -29.66 24.61
N TYR A 87 -8.21 -28.54 24.90
CA TYR A 87 -8.37 -28.05 26.26
C TYR A 87 -9.79 -28.23 26.74
N SER A 88 -9.96 -28.24 28.06
CA SER A 88 -11.26 -28.37 28.70
C SER A 88 -11.52 -27.16 29.59
N THR A 89 -12.78 -26.75 29.67
CA THR A 89 -13.13 -25.50 30.34
C THR A 89 -13.19 -25.69 31.85
N THR A 90 -12.48 -24.83 32.58
CA THR A 90 -12.50 -24.78 34.03
C THR A 90 -12.92 -23.39 34.49
N LYS A 91 -13.31 -23.30 35.75
CA LYS A 91 -13.79 -22.05 36.34
C LYS A 91 -12.97 -21.67 37.57
N ASN A 92 -11.67 -21.87 37.50
CA ASN A 92 -10.76 -21.48 38.58
C ASN A 92 -9.48 -20.95 37.96
N VAL A 93 -9.21 -19.66 38.18
CA VAL A 93 -8.08 -19.01 37.53
C VAL A 93 -6.76 -19.43 38.16
N ASN A 94 -6.78 -20.05 39.34
CA ASN A 94 -5.55 -20.48 39.98
C ASN A 94 -4.91 -21.68 39.29
N GLU A 95 -5.59 -22.29 38.31
CA GLU A 95 -5.07 -23.45 37.61
C GLU A 95 -5.16 -23.38 36.10
N ALA A 96 -6.03 -22.55 35.53
CA ALA A 96 -6.13 -22.46 34.08
C ALA A 96 -4.82 -22.01 33.47
N THR A 97 -4.49 -22.58 32.32
CA THR A 97 -3.24 -22.27 31.64
C THR A 97 -3.44 -21.59 30.29
N HIS A 98 -4.66 -21.57 29.76
CA HIS A 98 -4.97 -20.83 28.55
C HIS A 98 -6.38 -20.26 28.69
N ILE A 99 -6.71 -19.33 27.81
CA ILE A 99 -8.00 -18.63 27.90
C ILE A 99 -8.44 -18.25 26.50
N LEU A 100 -9.70 -18.56 26.18
CA LEU A 100 -10.26 -18.28 24.86
C LEU A 100 -10.93 -16.91 24.88
N ILE A 101 -10.46 -16.00 24.03
CA ILE A 101 -10.92 -14.61 24.03
C ILE A 101 -11.89 -14.43 22.86
N TYR A 102 -13.17 -14.22 23.19
CA TYR A 102 -14.20 -13.95 22.19
C TYR A 102 -14.25 -12.45 21.95
N THR A 103 -13.82 -12.01 20.78
CA THR A 103 -13.75 -10.59 20.50
C THR A 103 -15.11 -10.05 20.04
N THR A 104 -15.22 -8.73 20.06
CA THR A 104 -16.40 -8.06 19.52
C THR A 104 -16.40 -8.17 17.99
N PRO A 105 -17.55 -7.94 17.35
CA PRO A 105 -17.63 -8.20 15.90
C PRO A 105 -16.68 -7.37 15.06
N ASN A 106 -16.34 -6.15 15.48
CA ASN A 106 -15.54 -5.25 14.65
C ASN A 106 -14.10 -5.10 15.14
N ASN A 107 -13.63 -6.03 15.97
CA ASN A 107 -12.28 -5.95 16.54
C ASN A 107 -11.57 -7.29 16.34
N GLY A 108 -10.90 -7.43 15.21
CA GLY A 108 -10.06 -8.59 14.96
C GLY A 108 -10.83 -9.89 14.99
N SER A 109 -10.15 -10.94 15.45
CA SER A 109 -10.70 -12.28 15.53
C SER A 109 -10.36 -12.90 16.88
N ASP A 110 -10.99 -14.04 17.16
CA ASP A 110 -10.78 -14.73 18.42
C ASP A 110 -9.35 -15.26 18.50
N GLY A 111 -8.96 -15.70 19.70
CA GLY A 111 -7.60 -16.17 19.90
C GLY A 111 -7.46 -16.93 21.20
N ILE A 112 -6.34 -17.65 21.29
CA ILE A 112 -5.96 -18.40 22.49
C ILE A 112 -4.65 -17.81 22.99
N VAL A 113 -4.68 -17.21 24.17
CA VAL A 113 -3.52 -16.54 24.75
C VAL A 113 -3.15 -17.24 26.05
N GLU A 114 -1.85 -17.32 26.31
CA GLU A 114 -1.35 -18.04 27.47
C GLU A 114 -1.40 -17.17 28.71
N ILE A 115 -2.01 -17.70 29.77
CA ILE A 115 -2.05 -17.00 31.05
C ILE A 115 -0.69 -17.18 31.74
N GLN A 116 -0.01 -16.07 31.99
CA GLN A 116 1.33 -16.07 32.54
C GLN A 116 1.30 -15.76 34.03
N ARG A 117 2.41 -16.06 34.70
CA ARG A 117 2.49 -15.85 36.14
C ARG A 117 3.92 -15.51 36.53
N VAL A 118 4.06 -14.67 37.55
CA VAL A 118 5.36 -14.30 38.10
C VAL A 118 5.12 -13.74 39.49
N THR A 119 6.02 -14.08 40.42
CA THR A 119 5.91 -13.64 41.80
C THR A 119 6.69 -12.35 42.00
N GLU A 120 6.05 -11.35 42.60
CA GLU A 120 6.68 -10.06 42.86
C GLU A 120 6.32 -9.62 44.26
N ALA A 121 7.36 -9.34 45.07
CA ALA A 121 7.18 -8.84 46.43
C ALA A 121 6.29 -9.76 47.26
N GLY A 122 6.53 -11.06 47.15
CA GLY A 122 5.79 -12.05 47.91
C GLY A 122 4.38 -12.32 47.44
N SER A 123 3.96 -11.73 46.33
CA SER A 123 2.60 -11.93 45.81
C SER A 123 2.69 -12.10 44.30
N LEU A 124 2.26 -13.26 43.80
CA LEU A 124 2.27 -13.49 42.36
C LEU A 124 1.21 -12.66 41.68
N GLN A 125 1.42 -12.40 40.40
CA GLN A 125 0.55 -11.54 39.61
C GLN A 125 0.25 -12.21 38.28
N THR A 126 -0.98 -12.70 38.12
CA THR A 126 -1.41 -13.33 36.89
C THR A 126 -1.73 -12.28 35.83
N PHE A 127 -1.30 -12.54 34.60
CA PHE A 127 -1.55 -11.59 33.52
C PHE A 127 -1.35 -12.28 32.18
N PHE A 128 -1.96 -11.70 31.15
CA PHE A 128 -1.71 -12.09 29.76
C PHE A 128 -1.68 -10.83 28.92
N GLN A 129 -1.77 -10.98 27.60
CA GLN A 129 -1.65 -9.83 26.71
C GLN A 129 -2.29 -10.20 25.37
N PHE A 130 -3.40 -9.54 25.03
CA PHE A 130 -4.17 -9.85 23.84
C PHE A 130 -4.26 -8.59 22.98
N GLN A 131 -3.69 -8.66 21.77
CA GLN A 131 -3.67 -7.54 20.83
C GLN A 131 -2.94 -6.34 21.41
N LYS A 132 -1.76 -6.59 21.98
CA LYS A 132 -0.89 -5.57 22.54
C LYS A 132 -1.55 -4.78 23.66
N LYS A 133 -2.65 -5.28 24.21
CA LYS A 133 -3.38 -4.61 25.28
C LYS A 133 -3.20 -5.42 26.55
N ARG A 134 -2.49 -4.86 27.52
CA ARG A 134 -2.14 -5.60 28.72
C ARG A 134 -3.35 -5.83 29.62
N PHE A 135 -3.47 -7.05 30.12
CA PHE A 135 -4.48 -7.40 31.11
C PHE A 135 -3.78 -7.87 32.38
N LEU A 136 -4.51 -7.83 33.49
CA LEU A 136 -3.95 -8.18 34.78
C LEU A 136 -5.08 -8.67 35.68
N TRP A 137 -4.75 -9.59 36.59
CA TRP A 137 -5.75 -10.24 37.42
C TRP A 137 -5.95 -9.44 38.71
N HIS A 138 -7.07 -8.75 38.81
CA HIS A 138 -7.45 -8.04 40.02
C HIS A 138 -8.34 -8.94 40.87
N GLU A 139 -7.85 -9.29 42.07
CA GLU A 139 -8.55 -10.28 42.89
C GLU A 139 -9.88 -9.75 43.40
N ASN A 140 -9.93 -8.49 43.83
CA ASN A 140 -11.13 -7.95 44.45
C ASN A 140 -12.31 -7.95 43.51
N GLU A 141 -12.07 -7.76 42.21
CA GLU A 141 -13.13 -7.82 41.21
C GLU A 141 -13.20 -9.16 40.48
N GLN A 142 -12.14 -9.96 40.55
CA GLN A 142 -12.07 -11.26 39.88
C GLN A 142 -12.24 -11.12 38.38
N VAL A 143 -11.60 -10.11 37.80
CA VAL A 143 -11.65 -9.85 36.37
C VAL A 143 -10.25 -9.46 35.89
N PHE A 144 -10.06 -9.54 34.58
CA PHE A 144 -8.83 -9.09 33.93
C PHE A 144 -9.10 -7.69 33.38
N SER A 145 -8.56 -6.67 34.04
CA SER A 145 -8.86 -5.28 33.74
C SER A 145 -7.62 -4.61 33.14
N SER A 146 -7.78 -4.05 31.94
CA SER A 146 -6.72 -3.28 31.31
C SER A 146 -6.43 -2.02 32.13
N PRO A 147 -5.20 -1.52 32.09
CA PRO A 147 -4.87 -0.32 32.87
C PRO A 147 -5.62 0.90 32.38
N LYS A 148 -6.02 1.75 33.32
CA LYS A 148 -6.72 3.00 33.03
C LYS A 148 -5.86 4.16 33.51
N PHE A 149 -5.73 5.18 32.65
CA PHE A 149 -4.85 6.30 32.91
C PHE A 149 -5.59 7.44 33.60
N LEU A 150 -4.81 8.37 34.17
CA LEU A 150 -5.41 9.50 34.89
C LEU A 150 -5.99 10.53 33.94
N VAL A 151 -5.37 10.75 32.79
CA VAL A 151 -5.90 11.70 31.82
C VAL A 151 -7.15 11.15 31.15
N ASP A 152 -7.39 9.85 31.23
CA ASP A 152 -8.59 9.27 30.61
C ASP A 152 -9.85 9.76 31.30
N GLU A 153 -9.84 9.82 32.63
CA GLU A 153 -10.96 10.31 33.41
C GLU A 153 -10.93 11.84 33.40
N SER A 154 -11.72 12.47 34.27
CA SER A 154 -11.75 13.91 34.39
C SER A 154 -10.81 14.35 35.50
N PRO A 155 -9.60 14.79 35.19
CA PRO A 155 -8.63 15.13 36.24
C PRO A 155 -8.64 16.60 36.62
N LYS A 156 -8.32 16.86 37.89
CA LYS A 156 -8.10 18.21 38.36
C LYS A 156 -6.74 18.70 37.87
N ILE A 157 -6.69 19.94 37.38
CA ILE A 157 -5.44 20.50 36.90
C ILE A 157 -4.42 20.64 38.03
N GLY A 158 -4.89 20.72 39.27
CA GLY A 158 -3.96 20.71 40.40
C GLY A 158 -3.22 19.39 40.52
N ASP A 159 -3.89 18.28 40.21
CA ASP A 159 -3.24 16.98 40.25
C ASP A 159 -2.09 16.89 39.26
N PHE A 160 -2.11 17.69 38.20
CA PHE A 160 -1.00 17.74 37.26
C PHE A 160 0.04 18.78 37.65
N GLN A 161 -0.40 19.93 38.17
CA GLN A 161 0.56 20.96 38.56
C GLN A 161 1.35 20.60 39.81
N LYS A 162 0.83 19.69 40.64
CA LYS A 162 1.50 19.31 41.88
C LYS A 162 2.28 18.01 41.75
N CYS A 163 2.84 17.74 40.58
CA CYS A 163 3.62 16.54 40.36
C CYS A 163 5.10 16.81 40.59
N LYS A 164 5.81 15.80 41.11
CA LYS A 164 7.23 15.93 41.40
C LYS A 164 8.00 14.67 41.02
N GLY A 165 7.56 13.96 39.98
CA GLY A 165 8.26 12.80 39.49
C GLY A 165 8.08 11.58 40.38
N HIS A 166 8.57 10.44 39.88
CA HIS A 166 8.45 9.18 40.60
C HIS A 166 9.55 9.04 41.63
N SER A 167 9.27 8.24 42.66
CA SER A 167 10.22 8.03 43.74
C SER A 167 10.03 6.62 44.28
N GLY A 168 11.07 6.11 44.93
CA GLY A 168 11.03 4.78 45.51
C GLY A 168 11.39 3.69 44.52
N ASP A 169 10.85 2.49 44.73
CA ASP A 169 11.08 1.36 43.84
C ASP A 169 9.81 1.16 43.02
N LEU A 170 9.87 1.57 41.75
CA LEU A 170 8.70 1.55 40.86
C LEU A 170 8.67 0.26 40.03
N THR A 171 8.62 -0.87 40.75
CA THR A 171 8.54 -2.16 40.10
C THR A 171 7.11 -2.61 39.83
N HIS A 172 6.12 -1.99 40.48
CA HIS A 172 4.74 -2.32 40.18
C HIS A 172 4.20 -1.49 39.01
N LEU A 173 4.69 -0.26 38.85
CA LEU A 173 4.31 0.53 37.68
C LEU A 173 4.84 -0.12 36.40
N LYS A 174 6.07 -0.66 36.47
CA LYS A 174 6.66 -1.34 35.33
C LYS A 174 5.85 -2.55 34.89
N ARG A 175 5.03 -3.11 35.78
CA ARG A 175 4.15 -4.22 35.43
C ARG A 175 2.76 -3.75 35.04
N LEU A 176 2.27 -2.69 35.69
CA LEU A 176 0.93 -2.20 35.38
C LEU A 176 0.88 -1.57 34.00
N TYR A 177 1.90 -0.79 33.63
CA TYR A 177 1.90 -0.07 32.37
C TYR A 177 2.86 -0.62 31.33
N GLY A 178 3.94 -1.26 31.75
CA GLY A 178 4.90 -1.81 30.80
C GLY A 178 5.92 -0.79 30.37
N GLU A 179 6.50 -1.04 29.20
CA GLU A 179 7.54 -0.20 28.64
C GLU A 179 6.99 0.62 27.47
N ASN A 180 7.64 1.75 27.21
CA ASN A 180 7.28 2.63 26.10
C ASN A 180 8.04 2.17 24.87
N SER A 181 7.56 1.07 24.28
CA SER A 181 8.21 0.47 23.12
C SER A 181 7.16 0.13 22.06
N PHE A 182 7.52 0.35 20.80
CA PHE A 182 6.66 0.06 19.66
C PHE A 182 7.28 -1.11 18.89
N ASP A 183 6.95 -2.33 19.31
CA ASP A 183 7.49 -3.55 18.71
C ASP A 183 6.37 -4.29 18.00
N ILE A 184 6.44 -4.33 16.68
CA ILE A 184 5.42 -4.97 15.85
C ILE A 184 5.89 -6.38 15.53
N PRO A 185 5.08 -7.41 15.76
CA PRO A 185 5.49 -8.78 15.47
C PRO A 185 5.26 -9.17 14.01
N ILE A 186 6.20 -9.94 13.48
CA ILE A 186 6.14 -10.40 12.09
C ILE A 186 5.84 -11.90 12.07
N PRO A 187 5.15 -12.41 11.05
CA PRO A 187 4.85 -13.84 11.02
C PRO A 187 6.10 -14.67 10.76
N THR A 188 5.99 -15.95 11.09
CA THR A 188 7.09 -16.90 10.94
C THR A 188 7.03 -17.54 9.55
N PHE A 189 7.87 -18.55 9.33
CA PHE A 189 7.92 -19.19 8.02
C PHE A 189 6.75 -20.14 7.81
N MET A 190 6.42 -20.93 8.83
CA MET A 190 5.37 -21.93 8.68
C MET A 190 4.01 -21.28 8.48
N GLU A 191 3.70 -20.26 9.28
CA GLU A 191 2.42 -19.57 9.15
C GLU A 191 2.33 -18.81 7.83
N LEU A 192 3.45 -18.50 7.20
CA LEU A 192 3.45 -17.81 5.91
C LEU A 192 3.34 -18.79 4.75
N PHE A 193 3.92 -19.98 4.89
CA PHE A 193 3.81 -21.01 3.86
C PHE A 193 2.48 -21.75 3.92
N LYS A 194 1.81 -21.75 5.06
CA LYS A 194 0.49 -22.37 5.15
C LYS A 194 -0.50 -21.69 4.22
N GLU A 195 -0.33 -20.39 3.97
CA GLU A 195 -1.23 -19.68 3.08
C GLU A 195 -0.98 -20.03 1.62
N HIS A 196 0.27 -20.36 1.26
CA HIS A 196 0.55 -20.81 -0.10
C HIS A 196 0.19 -22.27 -0.30
N ALA A 197 0.16 -23.05 0.78
CA ALA A 197 -0.17 -24.47 0.71
C ALA A 197 -1.67 -24.72 0.66
N VAL A 198 -2.47 -23.73 0.28
CA VAL A 198 -3.92 -23.89 0.17
C VAL A 198 -4.45 -23.54 -1.22
N ALA A 199 -3.76 -22.69 -1.96
CA ALA A 199 -4.24 -22.29 -3.29
C ALA A 199 -4.48 -23.52 -4.16
N PRO A 200 -5.45 -23.47 -5.07
CA PRO A 200 -5.78 -24.67 -5.86
C PRO A 200 -4.65 -25.14 -6.75
N LEU A 201 -3.75 -24.24 -7.15
CA LEU A 201 -2.64 -24.65 -8.02
C LEU A 201 -1.73 -25.64 -7.33
N PHE A 202 -1.34 -25.37 -6.08
CA PHE A 202 -0.45 -26.26 -5.35
C PHE A 202 -1.12 -27.60 -5.06
N VAL A 203 -2.39 -27.57 -4.67
CA VAL A 203 -3.12 -28.81 -4.38
C VAL A 203 -3.23 -29.65 -5.65
N PHE A 204 -3.54 -29.01 -6.78
CA PHE A 204 -3.65 -29.75 -8.04
C PHE A 204 -2.30 -30.32 -8.45
N GLN A 205 -1.23 -29.57 -8.24
CA GLN A 205 0.11 -30.08 -8.57
C GLN A 205 0.43 -31.32 -7.76
N VAL A 206 0.23 -31.27 -6.43
CA VAL A 206 0.60 -32.41 -5.61
C VAL A 206 -0.33 -33.59 -5.88
N PHE A 207 -1.61 -33.34 -6.18
CA PHE A 207 -2.52 -34.42 -6.51
C PHE A 207 -2.13 -35.09 -7.82
N CYS A 208 -1.71 -34.31 -8.82
CA CYS A 208 -1.27 -34.89 -10.08
C CYS A 208 0.03 -35.67 -9.89
N VAL A 209 0.93 -35.17 -9.04
CA VAL A 209 2.17 -35.90 -8.76
C VAL A 209 1.85 -37.25 -8.12
N ALA A 210 0.89 -37.25 -7.18
CA ALA A 210 0.50 -38.52 -6.54
C ALA A 210 -0.11 -39.47 -7.56
N LEU A 211 -1.03 -38.98 -8.38
CA LEU A 211 -1.64 -39.83 -9.40
C LEU A 211 -0.59 -40.40 -10.34
N TRP A 212 0.41 -39.61 -10.71
CA TRP A 212 1.43 -40.08 -11.64
C TRP A 212 2.34 -41.11 -10.99
N LEU A 213 2.77 -40.84 -9.75
CA LEU A 213 3.64 -41.80 -9.07
C LEU A 213 2.91 -43.09 -8.71
N LEU A 214 1.57 -43.07 -8.67
CA LEU A 214 0.83 -44.28 -8.35
C LEU A 214 1.11 -45.40 -9.35
N ASP A 215 1.49 -45.05 -10.58
CA ASP A 215 1.79 -46.06 -11.60
C ASP A 215 3.12 -45.88 -12.30
N GLU A 216 3.65 -44.66 -12.39
CA GLU A 216 4.89 -44.39 -13.11
C GLU A 216 6.08 -44.55 -12.18
N PHE A 217 7.25 -44.10 -12.63
CA PHE A 217 8.47 -44.23 -11.86
C PHE A 217 8.42 -43.36 -10.61
N TRP A 218 9.47 -43.48 -9.79
CA TRP A 218 9.57 -42.80 -8.51
C TRP A 218 10.61 -41.69 -8.48
N TYR A 219 11.72 -41.86 -9.19
CA TYR A 219 12.79 -40.86 -9.16
C TYR A 219 12.34 -39.54 -9.79
N TYR A 220 11.68 -39.62 -10.95
CA TYR A 220 11.20 -38.40 -11.60
C TYR A 220 10.15 -37.70 -10.75
N SER A 221 9.25 -38.48 -10.12
CA SER A 221 8.25 -37.89 -9.25
C SER A 221 8.89 -37.22 -8.04
N LEU A 222 9.93 -37.84 -7.48
CA LEU A 222 10.63 -37.24 -6.35
C LEU A 222 11.31 -35.94 -6.76
N PHE A 223 11.95 -35.93 -7.93
CA PHE A 223 12.58 -34.71 -8.40
C PHE A 223 11.56 -33.60 -8.63
N ASN A 224 10.41 -33.95 -9.21
CA ASN A 224 9.37 -32.96 -9.44
C ASN A 224 8.82 -32.41 -8.13
N LEU A 225 8.62 -33.28 -7.13
CA LEU A 225 8.14 -32.81 -5.84
C LEU A 225 9.18 -31.91 -5.17
N PHE A 226 10.46 -32.25 -5.30
CA PHE A 226 11.51 -31.39 -4.78
C PHE A 226 11.47 -30.01 -5.43
N MET A 227 11.27 -29.97 -6.74
CA MET A 227 11.16 -28.69 -7.43
C MET A 227 9.96 -27.88 -6.93
N ILE A 228 8.81 -28.55 -6.76
CA ILE A 228 7.62 -27.86 -6.30
C ILE A 228 7.83 -27.29 -4.90
N ILE A 229 8.53 -28.04 -4.03
CA ILE A 229 8.81 -27.53 -2.70
C ILE A 229 9.76 -26.35 -2.76
N SER A 230 10.79 -26.43 -3.62
CA SER A 230 11.79 -25.37 -3.69
C SER A 230 11.18 -24.06 -4.19
N MET A 231 10.25 -24.14 -5.15
CA MET A 231 9.62 -22.93 -5.65
C MET A 231 8.91 -22.17 -4.54
N GLU A 232 8.06 -22.88 -3.78
CA GLU A 232 7.34 -22.25 -2.69
C GLU A 232 8.28 -21.76 -1.61
N ALA A 233 9.34 -22.50 -1.32
CA ALA A 233 10.32 -22.06 -0.33
C ALA A 233 10.95 -20.73 -0.74
N ALA A 234 11.35 -20.61 -2.01
CA ALA A 234 11.95 -19.37 -2.47
C ALA A 234 10.97 -18.22 -2.42
N ALA A 235 9.72 -18.45 -2.84
CA ALA A 235 8.73 -17.39 -2.82
C ALA A 235 8.47 -16.91 -1.40
N VAL A 236 8.31 -17.85 -0.46
CA VAL A 236 8.03 -17.47 0.93
C VAL A 236 9.24 -16.76 1.53
N PHE A 237 10.46 -17.18 1.18
CA PHE A 237 11.64 -16.50 1.70
C PHE A 237 11.72 -15.06 1.20
N GLN A 238 11.39 -14.84 -0.08
CA GLN A 238 11.40 -13.48 -0.61
C GLN A 238 10.37 -12.61 0.10
N ARG A 239 9.14 -13.13 0.24
CA ARG A 239 8.10 -12.37 0.92
C ARG A 239 8.50 -12.07 2.37
N LEU A 240 9.12 -13.04 3.04
CA LEU A 240 9.51 -12.86 4.43
C LEU A 240 10.62 -11.82 4.55
N THR A 241 11.56 -11.80 3.61
CA THR A 241 12.58 -10.77 3.62
C THR A 241 11.98 -9.38 3.46
N ALA A 242 11.06 -9.24 2.51
CA ALA A 242 10.40 -7.95 2.32
C ALA A 242 9.67 -7.51 3.57
N LEU A 243 8.89 -8.42 4.18
CA LEU A 243 8.16 -8.08 5.40
C LEU A 243 9.10 -7.69 6.52
N LYS A 244 10.14 -8.49 6.75
CA LYS A 244 11.08 -8.20 7.83
C LYS A 244 11.78 -6.87 7.62
N GLU A 245 12.00 -6.47 6.37
CA GLU A 245 12.63 -5.18 6.14
C GLU A 245 11.67 -4.02 6.39
N PHE A 246 10.47 -4.06 5.79
CA PHE A 246 9.64 -2.87 5.75
C PHE A 246 8.57 -2.81 6.83
N ARG A 247 8.17 -3.93 7.42
CA ARG A 247 7.08 -3.91 8.40
C ARG A 247 7.66 -3.59 9.78
N THR A 248 7.93 -2.30 9.97
CA THR A 248 8.38 -1.75 11.24
C THR A 248 8.35 -0.23 11.13
N MET A 249 8.23 0.42 12.27
CA MET A 249 8.27 1.87 12.34
C MET A 249 9.61 2.31 12.94
N GLY A 250 10.16 3.39 12.40
CA GLY A 250 11.47 3.84 12.85
C GLY A 250 11.40 4.53 14.20
N ILE A 251 11.82 3.84 15.24
CA ILE A 251 11.80 4.37 16.60
C ILE A 251 13.11 4.00 17.28
N LYS A 252 14.01 4.96 17.42
CA LYS A 252 15.28 4.73 18.08
C LYS A 252 15.33 5.48 19.39
N PRO A 253 15.54 4.80 20.52
CA PRO A 253 15.62 5.51 21.80
C PRO A 253 16.81 6.46 21.84
N TYR A 254 16.62 7.58 22.53
CA TYR A 254 17.67 8.58 22.71
C TYR A 254 17.58 9.13 24.12
N THR A 255 18.74 9.41 24.70
CA THR A 255 18.80 9.79 26.12
C THR A 255 18.09 11.10 26.36
N ILE A 256 17.26 11.13 27.41
CA ILE A 256 16.59 12.33 27.87
C ILE A 256 16.73 12.41 29.38
N ASN A 257 16.62 13.63 29.91
CA ASN A 257 16.73 13.86 31.34
C ASN A 257 15.37 13.71 32.00
N VAL A 258 15.28 12.82 32.99
CA VAL A 258 14.04 12.53 33.68
C VAL A 258 14.25 12.81 35.17
N PHE A 259 13.26 13.43 35.81
CA PHE A 259 13.36 13.82 37.21
C PHE A 259 12.86 12.68 38.07
N ARG A 260 13.78 11.91 38.64
CA ARG A 260 13.46 10.81 39.53
C ARG A 260 14.29 10.93 40.80
N ASN A 261 13.66 10.62 41.93
CA ASN A 261 14.33 10.61 43.23
C ASN A 261 14.94 11.97 43.56
N LYS A 262 14.32 13.05 43.08
CA LYS A 262 14.75 14.42 43.38
C LYS A 262 16.15 14.69 42.83
N LYS A 263 16.36 14.34 41.56
CA LYS A 263 17.60 14.66 40.86
C LYS A 263 17.40 14.39 39.38
N TRP A 264 17.95 15.27 38.54
CA TRP A 264 17.83 15.13 37.09
C TRP A 264 18.79 14.05 36.61
N VAL A 265 18.25 12.86 36.33
CA VAL A 265 19.04 11.73 35.88
C VAL A 265 18.62 11.36 34.47
N ALA A 266 19.59 10.95 33.66
CA ALA A 266 19.39 10.74 32.24
C ALA A 266 19.04 9.29 31.96
N LEU A 267 17.78 9.03 31.63
CA LEU A 267 17.31 7.71 31.25
C LEU A 267 17.26 7.61 29.73
N GLN A 268 16.70 6.51 29.24
CA GLN A 268 16.46 6.32 27.82
C GLN A 268 15.00 6.65 27.51
N THR A 269 14.58 6.38 26.28
CA THR A 269 13.21 6.63 25.87
C THR A 269 12.28 5.46 26.18
N ASN A 270 12.82 4.24 26.27
CA ASN A 270 11.98 3.09 26.59
C ASN A 270 11.56 3.05 28.04
N GLU A 271 12.26 3.76 28.92
CA GLU A 271 12.02 3.69 30.36
C GLU A 271 11.16 4.84 30.85
N LEU A 272 10.19 5.27 30.05
CA LEU A 272 9.28 6.34 30.43
C LEU A 272 7.95 5.77 30.89
N LEU A 273 7.42 6.32 31.97
CA LEU A 273 6.16 5.91 32.55
C LEU A 273 5.25 7.12 32.71
N PRO A 274 3.93 6.91 32.79
CA PRO A 274 3.03 8.03 33.02
C PRO A 274 3.35 8.75 34.32
N MET A 275 3.09 10.06 34.32
CA MET A 275 3.36 10.94 35.46
C MET A 275 4.85 10.96 35.81
N ASP A 276 5.67 11.16 34.78
CA ASP A 276 7.12 11.27 34.93
C ASP A 276 7.52 12.61 34.33
N LEU A 277 8.29 13.39 35.09
CA LEU A 277 8.74 14.70 34.60
C LEU A 277 9.95 14.53 33.69
N VAL A 278 9.81 14.94 32.43
CA VAL A 278 10.92 14.89 31.50
C VAL A 278 11.23 16.31 31.04
N SER A 279 12.34 16.49 30.33
CA SER A 279 12.76 17.80 29.83
C SER A 279 12.97 17.69 28.32
N ILE A 280 12.01 18.16 27.55
CA ILE A 280 12.08 18.09 26.09
C ILE A 280 12.85 19.28 25.56
N THR A 281 13.79 19.02 24.66
CA THR A 281 14.57 20.05 24.01
C THR A 281 14.23 20.10 22.52
N ARG A 282 14.95 20.95 21.79
CA ARG A 282 14.75 21.09 20.35
C ARG A 282 15.00 19.76 19.67
N THR A 283 13.95 19.14 19.13
CA THR A 283 14.05 17.79 18.59
C THR A 283 14.93 17.78 17.35
N ALA A 284 16.03 17.04 17.43
CA ALA A 284 16.95 16.92 16.31
C ALA A 284 16.32 16.05 15.21
N GLU A 285 17.07 15.85 14.14
CA GLU A 285 16.57 15.05 13.03
C GLU A 285 16.44 13.59 13.45
N GLU A 286 15.85 12.79 12.56
CA GLU A 286 15.58 11.37 12.75
C GLU A 286 15.02 11.06 14.14
N SER A 287 14.25 11.98 14.69
CA SER A 287 13.70 11.82 16.02
C SER A 287 12.41 12.62 16.14
N ALA A 288 11.66 12.33 17.19
CA ALA A 288 10.40 13.01 17.45
C ALA A 288 10.13 12.99 18.94
N ILE A 289 9.02 13.60 19.34
CA ILE A 289 8.62 13.60 20.75
C ILE A 289 8.33 12.16 21.18
N PRO A 290 8.82 11.72 22.35
CA PRO A 290 8.66 10.31 22.74
C PRO A 290 7.22 9.82 22.80
N CYS A 291 6.39 10.48 23.62
CA CYS A 291 5.03 10.02 23.86
C CYS A 291 4.17 11.22 24.23
N ASP A 292 2.89 10.96 24.54
CA ASP A 292 1.96 12.04 24.82
C ASP A 292 2.36 12.78 26.09
N LEU A 293 2.66 14.06 25.95
CA LEU A 293 3.15 14.89 27.04
C LEU A 293 2.20 16.06 27.23
N ILE A 294 2.17 16.60 28.43
CA ILE A 294 1.49 17.86 28.71
C ILE A 294 2.55 18.84 29.22
N LEU A 295 2.50 20.07 28.72
CA LEU A 295 3.57 21.04 28.95
C LEU A 295 3.36 21.68 30.32
N LEU A 296 4.20 21.31 31.29
CA LEU A 296 3.98 21.80 32.64
C LEU A 296 4.48 23.22 32.81
N ASP A 297 5.55 23.56 32.10
CA ASP A 297 6.14 24.88 32.14
C ASP A 297 7.04 25.03 30.93
N GLY A 298 7.04 26.22 30.35
CA GLY A 298 7.79 26.49 29.14
C GLY A 298 6.89 26.74 27.94
N SER A 299 7.51 26.75 26.77
CA SER A 299 6.81 26.93 25.51
C SER A 299 7.53 26.14 24.43
N ALA A 300 6.91 26.05 23.26
CA ALA A 300 7.49 25.31 22.15
C ALA A 300 6.80 25.71 20.86
N ILE A 301 7.32 25.18 19.75
CA ILE A 301 6.73 25.35 18.43
C ILE A 301 6.77 23.98 17.76
N VAL A 302 5.68 23.24 17.83
CA VAL A 302 5.64 21.88 17.30
C VAL A 302 5.26 21.92 15.82
N ASN A 303 5.47 20.80 15.14
CA ASN A 303 5.14 20.65 13.71
C ASN A 303 4.33 19.36 13.55
N GLU A 304 3.02 19.49 13.49
CA GLU A 304 2.12 18.34 13.47
C GLU A 304 1.86 17.81 12.07
N ALA A 305 2.75 18.08 11.11
CA ALA A 305 2.46 17.77 9.71
C ALA A 305 2.38 16.27 9.47
N MET A 306 3.00 15.45 10.32
CA MET A 306 2.97 14.00 10.13
C MET A 306 1.75 13.37 10.78
N LEU A 307 1.42 13.78 12.00
CA LEU A 307 0.34 13.16 12.74
C LEU A 307 -1.02 13.78 12.40
N SER A 308 -1.06 15.10 12.24
CA SER A 308 -2.31 15.81 11.99
C SER A 308 -2.55 16.09 10.51
N GLY A 309 -1.52 16.48 9.77
CA GLY A 309 -1.64 16.78 8.36
C GLY A 309 -1.71 18.24 8.01
N GLU A 310 -1.47 19.14 8.96
CA GLU A 310 -1.53 20.58 8.74
C GLU A 310 -0.11 21.15 8.67
N SER A 311 0.06 22.16 7.81
CA SER A 311 1.40 22.59 7.44
C SER A 311 1.99 23.61 8.40
N THR A 312 1.16 24.50 8.97
CA THR A 312 1.68 25.57 9.79
C THR A 312 2.16 25.02 11.15
N PRO A 313 3.31 25.49 11.63
CA PRO A 313 3.77 25.08 12.97
C PRO A 313 3.00 25.83 14.06
N LEU A 314 2.45 25.06 15.01
CA LEU A 314 1.69 25.64 16.11
C LEU A 314 2.62 26.14 17.20
N LEU A 315 2.06 26.93 18.11
CA LEU A 315 2.78 27.49 19.24
C LEU A 315 2.13 27.00 20.52
N LYS A 316 2.74 26.03 21.18
CA LYS A 316 2.23 25.51 22.44
C LYS A 316 2.69 26.39 23.59
N GLU A 317 1.91 26.37 24.68
CA GLU A 317 2.20 27.16 25.85
C GLU A 317 2.13 26.29 27.10
N SER A 318 2.48 26.89 28.24
CA SER A 318 2.57 26.16 29.50
C SER A 318 1.19 25.99 30.11
N ILE A 319 1.16 25.57 31.38
CA ILE A 319 -0.09 25.33 32.10
C ILE A 319 -0.10 25.99 33.47
N LYS A 320 0.98 26.65 33.87
CA LYS A 320 1.09 27.13 35.25
C LYS A 320 0.13 28.27 35.54
N LEU A 321 -0.16 29.14 34.55
CA LEU A 321 -0.97 30.31 34.81
C LEU A 321 -2.45 29.99 35.06
N ARG A 322 -2.86 28.74 34.89
CA ARG A 322 -4.26 28.41 35.10
C ARG A 322 -4.53 28.10 36.57
N PRO A 323 -5.72 28.46 37.07
CA PRO A 323 -6.04 28.17 38.47
C PRO A 323 -6.13 26.66 38.72
N SER A 324 -5.44 26.22 39.76
CA SER A 324 -5.31 24.79 40.05
C SER A 324 -6.43 24.25 40.93
N GLU A 325 -7.25 25.12 41.52
CA GLU A 325 -8.22 24.66 42.51
C GLU A 325 -9.42 23.97 41.86
N ASP A 326 -10.17 24.71 41.05
CA ASP A 326 -11.44 24.19 40.55
C ASP A 326 -11.36 23.73 39.10
N ASN A 327 -10.55 24.39 38.28
CA ASN A 327 -10.57 24.12 36.84
C ASN A 327 -10.18 22.68 36.54
N LEU A 328 -10.69 22.17 35.42
CA LEU A 328 -10.46 20.80 35.00
C LEU A 328 -9.65 20.79 33.71
N GLN A 329 -8.79 19.77 33.58
CA GLN A 329 -8.00 19.59 32.37
C GLN A 329 -8.95 19.17 31.26
N LEU A 330 -9.28 20.11 30.37
CA LEU A 330 -10.42 19.95 29.47
C LEU A 330 -10.07 19.31 28.14
N ASP A 331 -8.88 19.55 27.61
CA ASP A 331 -8.51 19.20 26.25
C ASP A 331 -9.41 19.88 25.22
N GLY A 332 -10.03 20.99 25.62
CA GLY A 332 -10.78 21.86 24.73
C GLY A 332 -10.04 23.17 24.59
N VAL A 333 -10.43 24.16 25.40
CA VAL A 333 -9.63 25.38 25.54
C VAL A 333 -8.20 25.07 25.95
N ASP A 334 -7.97 23.93 26.62
CA ASP A 334 -6.65 23.54 27.11
C ASP A 334 -5.87 22.69 26.10
N LYS A 335 -6.09 22.90 24.81
CA LYS A 335 -5.38 22.17 23.78
C LYS A 335 -4.11 22.87 23.33
N ILE A 336 -3.77 24.01 23.93
CA ILE A 336 -2.54 24.72 23.61
C ILE A 336 -1.39 24.29 24.50
N ALA A 337 -1.56 23.20 25.25
CA ALA A 337 -0.52 22.69 26.13
C ALA A 337 -0.15 21.25 25.89
N VAL A 338 -0.92 20.52 25.09
CA VAL A 338 -0.65 19.11 24.86
C VAL A 338 0.28 18.95 23.67
N LEU A 339 1.26 18.06 23.83
CA LEU A 339 2.22 17.71 22.79
C LEU A 339 2.07 16.23 22.51
N HIS A 340 1.56 15.89 21.33
CA HIS A 340 1.36 14.49 20.99
C HIS A 340 2.71 13.83 20.71
N GLY A 341 2.65 12.55 20.35
CA GLY A 341 3.86 11.80 20.11
C GLY A 341 4.06 11.45 18.66
N GLY A 342 5.17 11.91 18.08
CA GLY A 342 5.43 11.69 16.67
C GLY A 342 5.50 12.99 15.89
N THR A 343 5.63 14.09 16.61
CA THR A 343 5.71 15.42 16.03
C THR A 343 7.07 16.02 16.35
N LYS A 344 7.57 16.87 15.45
CA LYS A 344 8.84 17.54 15.68
C LYS A 344 8.64 18.84 16.43
N ALA A 345 9.56 19.14 17.34
CA ALA A 345 9.56 20.41 18.07
C ALA A 345 10.67 21.27 17.47
N LEU A 346 10.29 22.31 16.73
CA LEU A 346 11.26 23.15 16.05
C LEU A 346 12.00 24.08 17.00
N GLN A 347 11.41 24.41 18.14
CA GLN A 347 12.03 25.32 19.08
C GLN A 347 11.35 25.15 20.44
N VAL A 348 12.14 25.24 21.51
CA VAL A 348 11.62 25.12 22.87
C VAL A 348 12.21 26.22 23.72
N THR A 349 11.40 26.76 24.63
CA THR A 349 11.82 27.85 25.49
C THR A 349 11.85 27.40 26.93
N PRO A 350 12.96 27.60 27.64
CA PRO A 350 13.05 27.13 29.02
C PRO A 350 12.10 27.89 29.93
N PRO A 351 11.83 27.38 31.14
CA PRO A 351 10.97 28.11 32.07
C PRO A 351 11.54 29.47 32.42
N GLU A 352 10.64 30.40 32.77
CA GLU A 352 11.03 31.77 33.06
C GLU A 352 11.29 32.00 34.54
N HIS A 353 10.30 31.69 35.38
CA HIS A 353 10.41 31.94 36.81
C HIS A 353 10.72 30.65 37.57
N LYS A 354 11.08 30.82 38.84
CA LYS A 354 11.49 29.70 39.67
C LYS A 354 10.28 28.88 40.10
N SER A 355 10.46 27.57 40.11
CA SER A 355 9.45 26.62 40.57
C SER A 355 10.00 25.84 41.76
N ASP A 356 9.25 24.81 42.18
CA ASP A 356 9.70 24.00 43.31
C ASP A 356 10.92 23.18 42.96
N ILE A 357 10.96 22.63 41.75
CA ILE A 357 12.09 21.80 41.32
C ILE A 357 13.08 22.70 40.57
N PRO A 358 14.35 22.35 40.51
CA PRO A 358 15.31 23.17 39.76
C PRO A 358 15.03 23.14 38.28
N PRO A 359 15.47 24.15 37.54
CA PRO A 359 15.31 24.11 36.08
C PRO A 359 16.19 23.04 35.47
N PRO A 360 15.83 22.49 34.32
CA PRO A 360 16.58 21.39 33.74
C PRO A 360 17.99 21.80 33.37
N PRO A 361 18.94 20.87 33.32
CA PRO A 361 20.31 21.22 32.95
C PRO A 361 20.42 21.75 31.52
N ASP A 362 19.59 21.27 30.62
CA ASP A 362 19.58 21.76 29.24
C ASP A 362 18.82 23.09 29.20
N GLY A 363 18.51 23.55 28.00
CA GLY A 363 17.64 24.69 27.81
C GLY A 363 16.20 24.33 27.52
N GLY A 364 15.82 23.07 27.69
CA GLY A 364 14.49 22.63 27.36
C GLY A 364 13.45 23.00 28.41
N ALA A 365 12.22 22.61 28.14
CA ALA A 365 11.08 22.85 29.02
C ALA A 365 10.65 21.52 29.61
N LEU A 366 10.26 21.54 30.89
CA LEU A 366 9.77 20.34 31.53
C LEU A 366 8.30 20.12 31.19
N ALA A 367 7.92 18.84 31.17
CA ALA A 367 6.60 18.39 30.79
C ALA A 367 6.29 17.10 31.56
N ILE A 368 5.04 16.66 31.49
CA ILE A 368 4.53 15.51 32.23
C ILE A 368 4.08 14.47 31.21
N VAL A 369 4.59 13.25 31.34
CA VAL A 369 4.11 12.14 30.51
C VAL A 369 2.68 11.82 30.89
N THR A 370 1.87 11.44 29.91
CA THR A 370 0.50 11.01 30.17
C THR A 370 0.21 9.59 29.70
N LYS A 371 0.66 9.21 28.51
CA LYS A 371 0.42 7.88 27.97
C LYS A 371 1.69 7.36 27.31
N THR A 372 1.84 6.04 27.29
CA THR A 372 3.05 5.42 26.74
C THR A 372 2.68 4.16 25.96
N GLY A 373 3.48 3.87 24.94
CA GLY A 373 3.35 2.59 24.25
C GLY A 373 2.29 2.64 23.18
N PHE A 374 1.48 1.59 23.11
CA PHE A 374 0.38 1.51 22.16
C PHE A 374 -0.90 2.13 22.69
N GLU A 375 -0.81 2.96 23.73
CA GLU A 375 -1.96 3.67 24.26
C GLU A 375 -2.03 5.11 23.79
N THR A 376 -0.95 5.65 23.22
CA THR A 376 -0.96 7.00 22.70
C THR A 376 -1.79 7.07 21.42
N SER A 377 -1.87 8.25 20.83
CA SER A 377 -2.70 8.44 19.64
C SER A 377 -2.13 7.68 18.45
N GLN A 378 -0.87 7.96 18.10
CA GLN A 378 -0.22 7.26 16.99
C GLN A 378 -0.17 5.76 17.24
N GLY A 379 0.19 5.36 18.46
CA GLY A 379 0.21 3.94 18.78
C GLY A 379 -1.14 3.29 18.65
N SER A 380 -2.20 4.01 19.08
CA SER A 380 -3.54 3.44 18.97
C SER A 380 -3.97 3.29 17.51
N LEU A 381 -3.68 4.29 16.68
CA LEU A 381 -3.98 4.18 15.26
C LEU A 381 -3.28 2.97 14.65
N VAL A 382 -1.99 2.81 14.93
CA VAL A 382 -1.24 1.69 14.35
C VAL A 382 -1.75 0.36 14.87
N ARG A 383 -2.10 0.28 16.15
CA ARG A 383 -2.58 -0.98 16.71
C ARG A 383 -3.93 -1.37 16.10
N VAL A 384 -4.86 -0.41 16.02
CA VAL A 384 -6.15 -0.70 15.42
C VAL A 384 -6.00 -1.07 13.96
N MET A 385 -5.04 -0.46 13.26
CA MET A 385 -4.80 -0.85 11.87
C MET A 385 -4.30 -2.29 11.79
N ILE A 386 -3.35 -2.66 12.65
CA ILE A 386 -2.72 -3.97 12.55
C ILE A 386 -3.71 -5.07 12.92
N TYR A 387 -4.27 -4.99 14.12
CA TYR A 387 -5.01 -6.12 14.66
C TYR A 387 -6.50 -6.07 14.37
N SER A 388 -7.13 -4.90 14.45
CA SER A 388 -8.57 -4.78 14.25
C SER A 388 -8.95 -4.74 12.77
N ALA A 389 -8.07 -5.16 11.87
CA ALA A 389 -8.38 -5.20 10.46
C ALA A 389 -9.25 -6.40 10.14
N GLU A 390 -9.53 -6.59 8.85
CA GLU A 390 -10.34 -7.72 8.41
C GLU A 390 -9.54 -9.02 8.45
N ASP A 395 -10.83 -12.82 -5.07
CA ASP A 395 -11.84 -13.86 -5.13
C ASP A 395 -11.20 -15.24 -5.36
N ASN A 396 -10.21 -15.29 -6.24
CA ASN A 396 -9.50 -16.52 -6.59
C ASN A 396 -10.45 -17.59 -7.11
N LYS A 397 -11.58 -17.17 -7.68
CA LYS A 397 -12.52 -18.12 -8.29
C LYS A 397 -12.30 -18.29 -9.79
N GLU A 398 -11.57 -17.37 -10.43
CA GLU A 398 -11.26 -17.53 -11.85
C GLU A 398 -10.42 -18.77 -12.10
N ALA A 399 -9.39 -18.99 -11.29
CA ALA A 399 -8.56 -20.18 -11.45
C ALA A 399 -9.36 -21.45 -11.14
N LEU A 400 -10.24 -21.39 -10.15
CA LEU A 400 -11.07 -22.55 -9.83
C LEU A 400 -11.99 -22.90 -11.00
N MET A 401 -12.65 -21.89 -11.58
CA MET A 401 -13.51 -22.15 -12.73
C MET A 401 -12.71 -22.62 -13.94
N PHE A 402 -11.48 -22.12 -14.10
CA PHE A 402 -10.62 -22.60 -15.18
C PHE A 402 -10.29 -24.08 -15.01
N ILE A 403 -9.93 -24.47 -13.79
CA ILE A 403 -9.65 -25.88 -13.51
C ILE A 403 -10.90 -26.72 -13.73
N LEU A 404 -12.07 -26.20 -13.35
CA LEU A 404 -13.31 -26.92 -13.56
C LEU A 404 -13.57 -27.13 -15.06
N PHE A 405 -13.35 -26.09 -15.86
CA PHE A 405 -13.49 -26.18 -17.30
C PHE A 405 -12.60 -27.27 -17.87
N LEU A 406 -11.30 -27.22 -17.54
CA LEU A 406 -10.36 -28.19 -18.07
C LEU A 406 -10.70 -29.61 -17.60
N LEU A 407 -11.17 -29.75 -16.36
CA LEU A 407 -11.51 -31.08 -15.86
C LEU A 407 -12.78 -31.62 -16.50
N ILE A 408 -13.74 -30.76 -16.83
CA ILE A 408 -14.91 -31.21 -17.56
C ILE A 408 -14.50 -31.76 -18.92
N PHE A 409 -13.64 -31.02 -19.63
CA PHE A 409 -13.20 -31.49 -20.94
C PHE A 409 -12.40 -32.78 -20.82
N ALA A 410 -11.54 -32.88 -19.80
CA ALA A 410 -10.79 -34.10 -19.58
C ALA A 410 -11.71 -35.27 -19.23
N VAL A 411 -12.80 -35.02 -18.52
CA VAL A 411 -13.75 -36.08 -18.19
C VAL A 411 -14.43 -36.59 -19.44
N ILE A 412 -14.86 -35.68 -20.33
CA ILE A 412 -15.46 -36.13 -21.59
C ILE A 412 -14.45 -36.94 -22.40
N ALA A 413 -13.21 -36.47 -22.46
CA ALA A 413 -12.17 -37.17 -23.19
C ALA A 413 -11.96 -38.58 -22.63
N SER A 414 -11.85 -38.69 -21.31
CA SER A 414 -11.63 -39.98 -20.67
C SER A 414 -12.81 -40.91 -20.87
N TRP A 415 -14.03 -40.37 -20.83
CA TRP A 415 -15.22 -41.18 -21.08
C TRP A 415 -15.19 -41.77 -22.48
N TYR A 416 -14.88 -40.94 -23.48
CA TYR A 416 -14.82 -41.45 -24.85
C TYR A 416 -13.73 -42.51 -25.00
N VAL A 417 -12.53 -42.23 -24.46
CA VAL A 417 -11.44 -43.17 -24.65
C VAL A 417 -11.71 -44.47 -23.89
N TRP A 418 -12.41 -44.40 -22.76
CA TRP A 418 -12.76 -45.61 -22.02
C TRP A 418 -13.79 -46.43 -22.77
N VAL A 419 -14.80 -45.77 -23.34
CA VAL A 419 -15.78 -46.50 -24.15
C VAL A 419 -15.10 -47.18 -25.33
N GLU A 420 -14.18 -46.47 -25.99
CA GLU A 420 -13.51 -47.06 -27.15
C GLU A 420 -12.60 -48.20 -26.75
N GLY A 421 -11.91 -48.08 -25.61
CA GLY A 421 -11.07 -49.17 -25.16
C GLY A 421 -11.85 -50.39 -24.73
N THR A 422 -13.04 -50.18 -24.14
CA THR A 422 -13.90 -51.31 -23.82
C THR A 422 -14.44 -51.97 -25.08
N LYS A 423 -14.81 -51.17 -26.09
CA LYS A 423 -15.33 -51.74 -27.33
C LYS A 423 -14.24 -52.45 -28.12
N MET A 424 -12.98 -52.02 -27.98
CA MET A 424 -11.89 -52.68 -28.70
C MET A 424 -11.48 -53.98 -28.02
N GLY A 425 -11.44 -54.00 -26.69
CA GLY A 425 -11.12 -55.23 -25.99
C GLY A 425 -9.79 -55.23 -25.27
N ARG A 426 -9.38 -54.08 -24.74
CA ARG A 426 -8.17 -54.00 -23.95
C ARG A 426 -8.46 -54.24 -22.47
N ILE A 427 -7.39 -54.39 -21.69
CA ILE A 427 -7.55 -54.63 -20.26
C ILE A 427 -7.85 -53.33 -19.54
N GLN A 428 -8.40 -53.44 -18.33
CA GLN A 428 -8.81 -52.27 -17.58
C GLN A 428 -7.61 -51.43 -17.11
N SER A 429 -6.47 -52.07 -16.85
CA SER A 429 -5.33 -51.34 -16.31
C SER A 429 -4.79 -50.32 -17.30
N LYS A 430 -4.68 -50.69 -18.57
CA LYS A 430 -4.16 -49.76 -19.56
C LYS A 430 -5.14 -48.62 -19.81
N LEU A 431 -6.44 -48.90 -19.75
CA LEU A 431 -7.43 -47.83 -19.89
C LEU A 431 -7.35 -46.87 -18.71
N ILE A 432 -7.16 -47.39 -17.49
CA ILE A 432 -6.97 -46.53 -16.33
C ILE A 432 -5.73 -45.66 -16.51
N LEU A 433 -4.63 -46.26 -17.00
CA LEU A 433 -3.41 -45.50 -17.21
C LEU A 433 -3.61 -44.41 -18.26
N ASP A 434 -4.39 -44.70 -19.30
CA ASP A 434 -4.68 -43.69 -20.32
C ASP A 434 -5.50 -42.55 -19.73
N CYS A 435 -6.51 -42.88 -18.93
CA CYS A 435 -7.31 -41.84 -18.28
C CYS A 435 -6.45 -40.97 -17.38
N ILE A 436 -5.53 -41.59 -16.63
CA ILE A 436 -4.64 -40.84 -15.75
C ILE A 436 -3.71 -39.96 -16.58
N LEU A 437 -3.25 -40.45 -17.72
CA LEU A 437 -2.40 -39.64 -18.58
C LEU A 437 -3.15 -38.42 -19.11
N ILE A 438 -4.41 -38.60 -19.49
CA ILE A 438 -5.21 -37.47 -19.96
C ILE A 438 -5.37 -36.44 -18.85
N ILE A 439 -5.80 -36.90 -17.66
CA ILE A 439 -6.02 -35.99 -16.55
C ILE A 439 -4.72 -35.33 -16.10
N THR A 440 -3.57 -35.97 -16.31
CA THR A 440 -2.30 -35.34 -15.96
C THR A 440 -1.90 -34.29 -16.99
N SER A 441 -2.05 -34.61 -18.28
CA SER A 441 -1.71 -33.68 -19.35
C SER A 441 -2.80 -32.65 -19.61
N VAL A 442 -3.83 -32.59 -18.76
CA VAL A 442 -4.82 -31.53 -18.89
C VAL A 442 -4.20 -30.16 -18.64
N VAL A 443 -3.03 -30.11 -18.02
CA VAL A 443 -2.31 -28.84 -17.80
C VAL A 443 -0.83 -29.06 -18.06
N PRO A 444 -0.17 -28.17 -18.81
CA PRO A 444 1.25 -28.32 -19.07
C PRO A 444 2.07 -28.20 -17.80
N PRO A 445 3.27 -28.80 -17.77
CA PRO A 445 4.12 -28.69 -16.57
C PRO A 445 4.80 -27.35 -16.41
N GLU A 446 4.84 -26.53 -17.45
CA GLU A 446 5.54 -25.24 -17.41
C GLU A 446 4.65 -24.10 -16.94
N LEU A 447 3.55 -24.40 -16.26
CA LEU A 447 2.65 -23.37 -15.73
C LEU A 447 3.19 -22.73 -14.45
N PRO A 448 3.60 -23.50 -13.43
CA PRO A 448 4.06 -22.86 -12.19
C PRO A 448 5.35 -22.08 -12.38
N MET A 449 6.30 -22.64 -13.12
CA MET A 449 7.53 -21.92 -13.41
C MET A 449 7.24 -20.64 -14.19
N GLU A 450 6.24 -20.67 -15.08
CA GLU A 450 5.89 -19.47 -15.83
C GLU A 450 5.29 -18.40 -14.93
N LEU A 451 4.38 -18.81 -14.02
CA LEU A 451 3.82 -17.85 -13.08
C LEU A 451 4.90 -17.24 -12.19
N THR A 452 5.84 -18.08 -11.74
CA THR A 452 6.93 -17.58 -10.90
C THR A 452 7.82 -16.60 -11.67
N MET A 453 8.16 -16.93 -12.92
CA MET A 453 8.96 -16.01 -13.72
C MET A 453 8.21 -14.70 -13.95
N ALA A 454 6.89 -14.77 -14.15
CA ALA A 454 6.13 -13.55 -14.35
C ALA A 454 6.16 -12.67 -13.10
N VAL A 455 5.90 -13.27 -11.94
CA VAL A 455 5.90 -12.50 -10.69
C VAL A 455 7.27 -11.89 -10.44
N ASN A 456 8.33 -12.68 -10.62
CA ASN A 456 9.67 -12.18 -10.35
C ASN A 456 10.10 -11.12 -11.35
N SER A 457 9.68 -11.25 -12.61
CA SER A 457 10.00 -10.21 -13.59
C SER A 457 9.28 -8.92 -13.27
N SER A 458 8.02 -9.00 -12.86
CA SER A 458 7.30 -7.79 -12.46
C SER A 458 7.95 -7.14 -11.25
N LEU A 459 8.36 -7.94 -10.27
CA LEU A 459 9.01 -7.38 -9.08
C LEU A 459 10.34 -6.73 -9.44
N ALA A 460 11.15 -7.39 -10.27
CA ALA A 460 12.44 -6.82 -10.65
C ALA A 460 12.30 -5.64 -11.60
N ALA A 461 11.15 -5.49 -12.25
CA ALA A 461 10.90 -4.31 -13.05
C ALA A 461 10.46 -3.14 -12.19
N LEU A 462 9.68 -3.42 -11.15
CA LEU A 462 9.29 -2.36 -10.21
C LEU A 462 10.48 -1.89 -9.40
N ALA A 463 11.33 -2.81 -8.95
CA ALA A 463 12.45 -2.47 -8.07
C ALA A 463 13.54 -1.66 -8.75
N LYS A 464 13.38 -1.29 -10.03
CA LYS A 464 14.34 -0.41 -10.67
C LYS A 464 14.08 1.05 -10.38
N PHE A 465 12.87 1.39 -9.91
CA PHE A 465 12.54 2.73 -9.45
C PHE A 465 12.45 2.79 -7.93
N TYR A 466 13.05 1.82 -7.24
CA TYR A 466 13.03 1.75 -5.78
C TYR A 466 11.61 1.66 -5.25
N VAL A 467 10.80 0.82 -5.86
CA VAL A 467 9.42 0.55 -5.44
C VAL A 467 9.36 -0.90 -4.99
N TYR A 468 9.21 -1.11 -3.69
CA TYR A 468 9.25 -2.45 -3.10
C TYR A 468 7.85 -2.86 -2.66
N CYS A 469 7.49 -4.10 -2.94
CA CYS A 469 6.15 -4.61 -2.68
C CYS A 469 6.22 -5.83 -1.77
N THR A 470 5.20 -5.97 -0.92
CA THR A 470 5.11 -7.10 -0.01
C THR A 470 3.92 -8.01 -0.27
N GLU A 471 3.00 -7.62 -1.14
CA GLU A 471 1.87 -8.46 -1.55
C GLU A 471 1.87 -8.50 -3.08
N PRO A 472 2.59 -9.45 -3.68
CA PRO A 472 2.74 -9.44 -5.15
C PRO A 472 1.48 -9.74 -5.91
N PHE A 473 0.38 -10.09 -5.26
CA PHE A 473 -0.86 -10.38 -5.96
C PHE A 473 -1.72 -9.13 -6.17
N ARG A 474 -1.24 -7.96 -5.77
CA ARG A 474 -1.97 -6.72 -5.96
C ARG A 474 -1.49 -5.93 -7.18
N ILE A 475 -0.46 -6.41 -7.87
CA ILE A 475 0.05 -5.74 -9.06
C ILE A 475 -0.96 -5.84 -10.20
N PRO A 476 -1.63 -6.97 -10.42
CA PRO A 476 -2.73 -6.97 -11.41
C PRO A 476 -3.89 -6.08 -11.04
N PHE A 477 -4.00 -5.66 -9.77
CA PHE A 477 -5.10 -4.78 -9.39
C PHE A 477 -4.92 -3.38 -9.95
N ALA A 478 -3.69 -2.97 -10.21
CA ALA A 478 -3.39 -1.62 -10.69
C ALA A 478 -3.64 -1.44 -12.18
N GLY A 479 -4.32 -2.38 -12.83
CA GLY A 479 -4.56 -2.29 -14.25
C GLY A 479 -5.89 -1.65 -14.59
N ARG A 480 -6.87 -1.77 -13.69
CA ARG A 480 -8.19 -1.21 -13.92
C ARG A 480 -8.59 -0.23 -12.82
N ILE A 481 -7.66 0.65 -12.44
CA ILE A 481 -7.93 1.62 -11.37
C ILE A 481 -8.89 2.67 -11.89
N ASP A 482 -9.91 3.00 -11.09
CA ASP A 482 -10.91 3.99 -11.45
C ASP A 482 -10.73 5.31 -10.72
N VAL A 483 -10.46 5.28 -9.42
CA VAL A 483 -10.33 6.48 -8.60
C VAL A 483 -8.95 6.49 -7.97
N CYS A 484 -8.24 7.61 -8.10
CA CYS A 484 -6.90 7.78 -7.54
C CYS A 484 -6.95 8.87 -6.47
N CYS A 485 -7.00 8.47 -5.20
CA CYS A 485 -7.00 9.42 -4.11
C CYS A 485 -5.58 9.91 -3.83
N PHE A 486 -5.48 11.06 -3.17
CA PHE A 486 -4.20 11.69 -2.91
C PHE A 486 -4.21 12.40 -1.57
N ASP A 487 -3.02 12.53 -0.98
CA ASP A 487 -2.79 13.30 0.22
C ASP A 487 -2.04 14.57 -0.15
N LYS A 488 -2.36 15.68 0.51
CA LYS A 488 -1.75 16.95 0.13
C LYS A 488 -0.38 17.14 0.77
N THR A 489 -0.32 17.21 2.09
CA THR A 489 0.92 17.57 2.78
C THR A 489 1.85 16.38 2.86
N GLY A 490 3.06 16.52 2.33
CA GLY A 490 4.04 15.48 2.32
C GLY A 490 4.05 14.65 1.05
N THR A 491 2.91 14.56 0.35
CA THR A 491 2.82 13.80 -0.88
C THR A 491 2.91 14.70 -2.11
N LEU A 492 2.02 15.68 -2.22
CA LEU A 492 2.06 16.61 -3.34
C LEU A 492 2.92 17.84 -3.06
N THR A 493 2.93 18.32 -1.82
CA THR A 493 3.72 19.47 -1.43
C THR A 493 4.64 19.10 -0.28
N GLY A 494 5.71 19.87 -0.13
CA GLY A 494 6.58 19.72 1.02
C GLY A 494 5.87 20.12 2.30
N GLU A 495 6.47 19.73 3.42
CA GLU A 495 5.89 20.00 4.73
C GLU A 495 6.65 21.09 5.50
N ASP A 496 7.42 21.93 4.80
CA ASP A 496 8.18 22.99 5.43
C ASP A 496 7.92 24.30 4.67
N LEU A 497 7.57 25.35 5.41
CA LEU A 497 7.32 26.64 4.79
C LEU A 497 8.60 27.21 4.21
N VAL A 498 8.51 27.77 3.00
CA VAL A 498 9.64 28.38 2.34
C VAL A 498 9.27 29.81 1.95
N PHE A 499 10.29 30.65 1.81
CA PHE A 499 10.10 32.04 1.45
C PHE A 499 9.61 32.15 0.01
N GLU A 500 8.89 33.22 -0.28
CA GLU A 500 8.44 33.46 -1.64
C GLU A 500 8.81 34.83 -2.17
N GLY A 501 8.74 35.87 -1.36
CA GLY A 501 9.10 37.20 -1.80
C GLY A 501 8.24 38.24 -1.13
N LEU A 502 8.68 39.49 -1.26
CA LEU A 502 8.00 40.60 -0.62
C LEU A 502 6.67 40.88 -1.34
N ALA A 503 5.99 41.92 -0.87
CA ALA A 503 4.73 42.36 -1.47
C ALA A 503 4.41 43.72 -0.86
N GLY A 504 3.44 44.39 -1.46
CA GLY A 504 2.93 45.64 -0.91
C GLY A 504 3.90 46.81 -0.91
N ILE A 505 5.14 46.58 -1.30
CA ILE A 505 6.13 47.66 -1.35
C ILE A 505 6.02 48.30 -2.73
N SER A 506 5.08 49.24 -2.84
CA SER A 506 4.84 49.99 -4.08
C SER A 506 3.82 51.07 -3.77
N ALA A 507 3.63 51.97 -4.73
CA ALA A 507 2.62 53.01 -4.62
C ALA A 507 1.84 53.17 -5.93
N ASP A 508 1.93 52.19 -6.83
CA ASP A 508 1.30 52.25 -8.14
C ASP A 508 -0.03 51.52 -8.22
N SER A 509 -0.20 50.43 -7.47
CA SER A 509 -1.45 49.66 -7.43
C SER A 509 -1.83 49.12 -8.82
N GLU A 510 -0.84 48.87 -9.67
CA GLU A 510 -1.14 48.33 -11.00
C GLU A 510 -1.44 46.84 -10.96
N ASN A 511 -0.99 46.13 -9.93
CA ASN A 511 -1.28 44.71 -9.80
C ASN A 511 -1.11 44.33 -8.33
N ILE A 512 -1.84 43.29 -7.91
CA ILE A 512 -1.83 42.84 -6.53
C ILE A 512 -0.75 41.78 -6.34
N ARG A 513 -0.86 40.67 -7.07
CA ARG A 513 0.06 39.54 -6.92
C ARG A 513 1.33 39.81 -7.72
N HIS A 514 2.18 40.67 -7.16
CA HIS A 514 3.49 40.95 -7.73
C HIS A 514 4.53 40.77 -6.63
N LEU A 515 5.39 39.77 -6.78
CA LEU A 515 6.32 39.36 -5.73
C LEU A 515 7.73 39.75 -6.13
N TYR A 516 8.27 40.78 -5.47
CA TYR A 516 9.68 41.12 -5.60
C TYR A 516 10.49 40.07 -4.86
N SER A 517 11.21 39.23 -5.61
CA SER A 517 11.91 38.10 -5.01
C SER A 517 12.95 38.57 -3.98
N ALA A 518 13.97 39.29 -4.44
CA ALA A 518 15.03 39.79 -3.58
C ALA A 518 15.88 40.75 -4.39
N ALA A 519 16.83 41.38 -3.71
CA ALA A 519 17.75 42.35 -4.31
C ALA A 519 17.02 43.49 -5.01
N GLU A 520 15.78 43.76 -4.61
CA GLU A 520 14.98 44.80 -5.22
C GLU A 520 14.29 45.70 -4.20
N ALA A 521 14.40 45.41 -2.92
CA ALA A 521 13.79 46.22 -1.88
C ALA A 521 14.68 47.40 -1.52
N PRO A 522 14.10 48.50 -1.04
CA PRO A 522 14.94 49.62 -0.59
C PRO A 522 15.74 49.28 0.65
N GLU A 523 16.54 50.24 1.13
CA GLU A 523 17.38 49.98 2.30
C GLU A 523 16.54 49.77 3.55
N SER A 524 15.41 50.46 3.66
CA SER A 524 14.59 50.35 4.87
C SER A 524 14.08 48.94 5.08
N THR A 525 13.56 48.31 4.02
CA THR A 525 13.00 46.97 4.17
C THR A 525 14.09 45.94 4.47
N ILE A 526 15.23 46.02 3.77
CA ILE A 526 16.29 45.06 3.99
C ILE A 526 16.97 45.29 5.34
N LEU A 527 16.83 46.48 5.91
CA LEU A 527 17.31 46.69 7.27
C LEU A 527 16.30 46.21 8.31
N VAL A 528 15.01 46.32 8.02
CA VAL A 528 14.00 45.90 8.97
C VAL A 528 13.92 44.37 9.05
N ILE A 529 14.07 43.69 7.91
CA ILE A 529 14.02 42.24 7.92
C ILE A 529 15.19 41.67 8.71
N GLY A 530 16.29 42.42 8.79
CA GLY A 530 17.46 41.96 9.52
C GLY A 530 17.56 42.54 10.92
N ALA A 531 16.72 43.52 11.23
CA ALA A 531 16.75 44.17 12.53
C ALA A 531 15.72 43.62 13.51
N ALA A 532 14.56 43.18 13.03
CA ALA A 532 13.50 42.66 13.89
C ALA A 532 13.52 41.14 13.79
N HIS A 533 14.37 40.51 14.60
CA HIS A 533 14.49 39.06 14.60
C HIS A 533 14.95 38.61 15.98
N ALA A 534 14.87 37.29 16.21
CA ALA A 534 15.17 36.71 17.51
C ALA A 534 16.30 35.68 17.47
N LEU A 535 16.96 35.53 16.33
CA LEU A 535 18.06 34.56 16.24
C LEU A 535 19.29 35.09 16.98
N VAL A 536 20.07 34.15 17.51
CA VAL A 536 21.27 34.50 18.28
C VAL A 536 22.32 33.42 18.03
N LYS A 537 23.58 33.83 18.04
CA LYS A 537 24.71 32.93 17.89
C LYS A 537 25.39 32.73 19.24
N LEU A 538 25.58 31.47 19.63
CA LEU A 538 26.21 31.16 20.90
C LEU A 538 27.73 31.31 20.78
N GLU A 539 28.43 31.03 21.88
CA GLU A 539 29.88 31.18 21.88
C GLU A 539 30.56 30.07 21.09
N ASP A 540 30.00 28.86 21.09
CA ASP A 540 30.60 27.76 20.35
C ASP A 540 30.35 27.85 18.86
N GLY A 541 29.36 28.62 18.43
CA GLY A 541 29.08 28.78 17.02
C GLY A 541 27.89 27.95 16.56
N ASP A 542 26.73 28.59 16.48
CA ASP A 542 25.49 27.95 16.06
C ASP A 542 24.43 29.03 15.93
N ILE A 543 23.28 28.64 15.38
CA ILE A 543 22.15 29.55 15.21
C ILE A 543 20.88 28.83 15.62
N VAL A 544 20.16 29.39 16.59
CA VAL A 544 18.97 28.78 17.15
C VAL A 544 17.80 29.76 17.01
N GLY A 545 16.63 29.24 16.69
CA GLY A 545 15.45 30.06 16.57
C GLY A 545 14.46 29.46 15.59
N ASP A 546 13.46 30.26 15.26
CA ASP A 546 12.40 29.83 14.36
C ASP A 546 12.99 29.54 12.98
N PRO A 547 12.77 28.34 12.43
CA PRO A 547 13.42 28.01 11.15
C PRO A 547 12.95 28.85 9.97
N MET A 548 11.68 29.24 9.93
CA MET A 548 11.23 30.13 8.86
C MET A 548 11.91 31.48 8.95
N GLU A 549 12.14 31.96 10.17
CA GLU A 549 12.91 33.18 10.36
C GLU A 549 14.33 33.02 9.85
N LYS A 550 14.94 31.85 10.08
CA LYS A 550 16.27 31.58 9.55
C LYS A 550 16.25 31.56 8.02
N ALA A 551 15.21 30.97 7.43
CA ALA A 551 15.11 30.90 5.98
C ALA A 551 14.99 32.28 5.36
N THR A 552 14.14 33.15 5.94
CA THR A 552 14.01 34.48 5.38
C THR A 552 15.26 35.33 5.61
N LEU A 553 15.90 35.18 6.77
CA LEU A 553 17.12 35.94 7.03
C LEU A 553 18.26 35.48 6.15
N LYS A 554 18.25 34.22 5.71
CA LYS A 554 19.27 33.74 4.79
C LYS A 554 18.96 34.15 3.35
N ALA A 555 17.68 34.09 2.95
CA ALA A 555 17.32 34.47 1.60
C ALA A 555 17.55 35.95 1.36
N VAL A 556 17.31 36.79 2.37
CA VAL A 556 17.65 38.20 2.20
C VAL A 556 19.15 38.38 2.16
N GLY A 557 19.90 37.53 2.84
CA GLY A 557 21.35 37.58 2.78
C GLY A 557 21.99 38.28 3.96
N TRP A 558 21.55 37.95 5.17
CA TRP A 558 22.10 38.52 6.39
C TRP A 558 22.98 37.50 7.09
N ALA A 559 23.99 38.00 7.81
CA ALA A 559 24.93 37.17 8.54
C ALA A 559 24.92 37.59 10.00
N VAL A 560 24.52 36.68 10.88
CA VAL A 560 24.44 36.94 12.31
C VAL A 560 25.78 36.59 12.94
N GLU A 561 26.21 37.42 13.89
CA GLU A 561 27.48 37.23 14.59
C GLU A 561 27.21 36.78 16.02
N ARG A 562 28.30 36.57 16.77
CA ARG A 562 28.18 36.12 18.15
C ARG A 562 27.40 37.14 18.99
N LYS A 563 27.86 38.38 19.00
CA LYS A 563 27.10 39.45 19.64
C LYS A 563 25.81 39.67 18.87
N ASN A 564 24.82 40.26 19.56
CA ASN A 564 23.52 40.54 18.95
C ASN A 564 23.65 41.37 17.69
N SER A 565 24.72 42.15 17.56
CA SER A 565 24.93 42.93 16.35
C SER A 565 25.30 42.02 15.18
N ASN A 566 24.58 42.15 14.07
CA ASN A 566 24.84 41.37 12.88
C ASN A 566 25.22 42.28 11.73
N TYR A 567 26.03 41.76 10.82
CA TYR A 567 26.59 42.56 9.73
C TYR A 567 26.79 41.66 8.52
N ARG A 568 27.60 42.12 7.57
CA ARG A 568 27.94 41.35 6.36
C ARG A 568 26.71 41.04 5.52
N GLU A 569 25.73 41.95 5.51
CA GLU A 569 24.57 41.82 4.65
C GLU A 569 24.82 42.31 3.24
N GLY A 570 26.06 42.70 2.91
CA GLY A 570 26.36 43.30 1.63
C GLY A 570 26.15 44.79 1.57
N THR A 571 25.59 45.40 2.61
CA THR A 571 25.35 46.84 2.67
C THR A 571 26.07 47.52 3.81
N GLY A 572 26.08 46.93 4.99
CA GLY A 572 26.76 47.55 6.12
C GLY A 572 26.63 46.70 7.36
N LYS A 573 26.72 47.36 8.52
CA LYS A 573 26.62 46.72 9.81
C LYS A 573 25.33 47.12 10.50
N LEU A 574 24.97 46.36 11.53
CA LEU A 574 23.75 46.59 12.27
C LEU A 574 23.90 46.06 13.68
N ASP A 575 23.26 46.73 14.64
CA ASP A 575 23.32 46.35 16.04
C ASP A 575 21.93 46.36 16.62
N ILE A 576 21.67 45.43 17.54
CA ILE A 576 20.39 45.31 18.22
C ILE A 576 20.59 45.77 19.65
N ILE A 577 19.98 46.91 20.00
CA ILE A 577 20.09 47.45 21.35
C ILE A 577 19.22 46.66 22.32
N ARG A 578 17.93 46.59 22.05
CA ARG A 578 17.00 45.84 22.89
C ARG A 578 15.92 45.23 22.00
N ARG A 579 15.57 43.98 22.29
CA ARG A 579 14.55 43.26 21.55
C ARG A 579 13.40 42.86 22.46
N PHE A 580 12.25 42.61 21.86
CA PHE A 580 11.06 42.21 22.58
C PHE A 580 10.66 40.79 22.16
N GLN A 581 9.71 40.23 22.92
CA GLN A 581 9.28 38.86 22.71
C GLN A 581 8.05 38.81 21.81
N PHE A 582 7.64 37.59 21.49
CA PHE A 582 6.42 37.35 20.72
C PHE A 582 5.34 36.85 21.68
N SER A 583 4.33 37.67 21.91
CA SER A 583 3.29 37.33 22.87
C SER A 583 2.23 36.43 22.23
N SER A 584 1.55 35.67 23.07
CA SER A 584 0.45 34.83 22.60
C SER A 584 -0.70 35.70 22.10
N ALA A 585 -1.28 36.51 22.99
CA ALA A 585 -2.22 37.52 22.57
C ALA A 585 -1.48 38.72 21.96
N LEU A 586 -2.23 39.55 21.25
CA LEU A 586 -1.67 40.66 20.48
C LEU A 586 -0.40 40.23 19.72
N LYS A 587 -0.58 39.19 18.91
CA LYS A 587 0.55 38.54 18.24
C LYS A 587 1.34 39.51 17.39
N ARG A 588 2.58 39.80 17.80
CA ARG A 588 3.51 40.64 17.06
C ARG A 588 4.85 40.61 17.78
N SER A 589 5.83 41.30 17.20
CA SER A 589 7.16 41.39 17.79
C SER A 589 7.63 42.83 17.78
N ALA A 590 8.89 43.06 18.13
CA ALA A 590 9.48 44.40 18.12
C ALA A 590 10.97 44.27 18.35
N SER A 591 11.70 45.34 18.02
CA SER A 591 13.13 45.42 18.25
C SER A 591 13.56 46.87 18.12
N ILE A 592 14.61 47.24 18.84
CA ILE A 592 15.17 48.58 18.78
C ILE A 592 16.60 48.43 18.29
N ALA A 593 16.81 48.62 16.99
CA ALA A 593 18.10 48.43 16.37
C ALA A 593 18.86 49.75 16.30
N SER A 594 20.16 49.65 15.98
CA SER A 594 21.03 50.81 15.90
C SER A 594 21.89 50.69 14.64
N HIS A 595 21.92 51.76 13.86
CA HIS A 595 22.71 51.81 12.63
C HIS A 595 23.71 52.96 12.72
N ASN A 596 24.70 52.93 11.83
CA ASN A 596 25.71 53.98 11.82
C ASN A 596 25.14 55.31 11.37
N ASP A 597 24.09 55.29 10.55
CA ASP A 597 23.48 56.53 10.07
C ASP A 597 22.54 57.12 11.12
N ALA A 598 21.53 56.36 11.52
CA ALA A 598 20.54 56.83 12.49
C ALA A 598 20.05 55.63 13.29
N LEU A 599 18.95 55.83 14.02
CA LEU A 599 18.36 54.80 14.87
C LEU A 599 16.88 54.65 14.51
N PHE A 600 16.44 53.40 14.42
CA PHE A 600 15.03 53.12 14.13
C PHE A 600 14.63 51.84 14.84
N ALA A 601 13.32 51.65 15.00
CA ALA A 601 12.76 50.50 15.69
C ALA A 601 11.82 49.76 14.75
N ALA A 602 12.12 48.49 14.50
CA ALA A 602 11.36 47.69 13.56
C ALA A 602 10.32 46.84 14.28
N VAL A 603 9.18 46.67 13.64
CA VAL A 603 8.08 45.86 14.17
C VAL A 603 7.66 44.86 13.11
N LYS A 604 7.40 43.62 13.53
CA LYS A 604 6.98 42.56 12.62
C LYS A 604 5.97 41.67 13.33
N GLY A 605 4.76 41.64 12.82
CA GLY A 605 3.73 40.80 13.39
C GLY A 605 2.60 40.60 12.40
N ALA A 606 1.53 39.98 12.89
CA ALA A 606 0.37 39.74 12.05
C ALA A 606 -0.16 41.06 11.52
N PRO A 607 -0.64 41.10 10.27
CA PRO A 607 -1.06 42.39 9.70
C PRO A 607 -2.33 42.95 10.30
N GLU A 608 -3.24 42.09 10.75
CA GLU A 608 -4.49 42.56 11.35
C GLU A 608 -4.26 43.35 12.62
N THR A 609 -3.13 43.15 13.30
CA THR A 609 -2.79 43.92 14.49
C THR A 609 -1.91 45.12 14.17
N ILE A 610 -1.06 45.03 13.14
CA ILE A 610 -0.20 46.15 12.79
C ILE A 610 -0.99 47.24 12.08
N ARG A 611 -2.03 46.87 11.32
CA ARG A 611 -2.78 47.86 10.56
C ARG A 611 -3.37 48.94 11.46
N GLU A 612 -3.90 48.55 12.60
CA GLU A 612 -4.46 49.48 13.56
C GLU A 612 -3.40 50.16 14.42
N ARG A 613 -2.12 49.95 14.09
CA ARG A 613 -1.01 50.50 14.87
C ARG A 613 -0.25 51.60 14.14
N LEU A 614 -0.05 51.47 12.83
CA LEU A 614 0.68 52.47 12.09
C LEU A 614 -0.25 53.59 11.64
N SER A 615 0.33 54.77 11.41
CA SER A 615 -0.47 55.95 11.08
C SER A 615 -0.89 55.94 9.62
N ASP A 616 0.07 55.87 8.70
CA ASP A 616 -0.21 55.93 7.27
C ASP A 616 -0.73 54.58 6.80
N ILE A 617 -2.00 54.53 6.42
CA ILE A 617 -2.62 53.33 5.87
C ILE A 617 -2.56 53.43 4.34
N PRO A 618 -1.92 52.49 3.65
CA PRO A 618 -1.89 52.55 2.19
C PRO A 618 -3.25 52.28 1.56
N LYS A 619 -3.31 52.26 0.23
CA LYS A 619 -4.57 52.02 -0.46
C LYS A 619 -4.77 50.56 -0.83
N ASN A 620 -3.71 49.76 -0.84
CA ASN A 620 -3.80 48.36 -1.22
C ASN A 620 -3.46 47.41 -0.07
N TYR A 621 -3.39 47.91 1.16
CA TYR A 621 -3.12 47.06 2.31
C TYR A 621 -4.12 45.91 2.38
N ASP A 622 -5.41 46.24 2.48
CA ASP A 622 -6.44 45.23 2.64
C ASP A 622 -6.53 44.32 1.43
N GLU A 623 -6.44 44.90 0.24
CA GLU A 623 -6.54 44.09 -0.98
C GLU A 623 -5.42 43.06 -1.06
N ILE A 624 -4.18 43.49 -0.82
CA ILE A 624 -3.05 42.57 -0.91
C ILE A 624 -3.12 41.52 0.19
N TYR A 625 -3.42 41.95 1.42
CA TYR A 625 -3.53 41.00 2.53
C TYR A 625 -4.58 39.93 2.25
N LYS A 626 -5.77 40.34 1.82
CA LYS A 626 -6.84 39.37 1.62
C LYS A 626 -6.63 38.55 0.36
N SER A 627 -5.89 39.06 -0.62
CA SER A 627 -5.58 38.25 -1.79
C SER A 627 -4.54 37.18 -1.47
N PHE A 628 -3.61 37.46 -0.56
CA PHE A 628 -2.59 36.49 -0.24
C PHE A 628 -2.94 35.58 0.93
N THR A 629 -3.94 35.94 1.73
CA THR A 629 -4.33 35.07 2.84
C THR A 629 -5.46 34.12 2.48
N ARG A 630 -6.17 34.38 1.38
CA ARG A 630 -7.26 33.49 0.95
C ARG A 630 -6.76 32.32 0.11
N SER A 631 -5.47 32.25 -0.19
CA SER A 631 -4.89 31.11 -0.91
C SER A 631 -3.62 30.66 -0.19
N GLY A 632 -3.79 29.87 0.87
CA GLY A 632 -2.67 29.14 1.45
C GLY A 632 -1.64 29.98 2.19
N SER A 633 -1.07 30.96 1.51
CA SER A 633 0.10 31.69 1.98
C SER A 633 -0.13 32.29 3.37
N ARG A 634 0.97 32.54 4.07
CA ARG A 634 0.95 33.06 5.43
C ARG A 634 1.82 34.32 5.48
N VAL A 635 1.19 35.49 5.33
CA VAL A 635 1.92 36.74 5.24
C VAL A 635 2.31 37.21 6.64
N LEU A 636 3.27 38.14 6.69
CA LEU A 636 3.72 38.73 7.95
C LEU A 636 4.11 40.18 7.67
N ALA A 637 3.18 41.10 7.88
CA ALA A 637 3.44 42.50 7.57
C ALA A 637 4.39 43.11 8.59
N LEU A 638 5.43 43.78 8.10
CA LEU A 638 6.42 44.41 8.95
C LEU A 638 6.44 45.92 8.71
N ALA A 639 6.74 46.66 9.76
CA ALA A 639 6.74 48.13 9.71
C ALA A 639 7.87 48.66 10.56
N SER A 640 8.21 49.94 10.34
CA SER A 640 9.34 50.57 11.02
C SER A 640 8.96 51.99 11.41
N LYS A 641 9.90 52.67 12.08
CA LYS A 641 9.71 54.03 12.53
C LYS A 641 11.07 54.59 12.96
N SER A 642 11.33 55.85 12.60
CA SER A 642 12.52 56.53 13.08
C SER A 642 12.39 56.87 14.56
N LEU A 643 13.47 56.63 15.30
CA LEU A 643 13.47 56.83 16.76
C LEU A 643 14.71 57.58 17.18
N PRO A 644 14.59 58.82 17.64
CA PRO A 644 15.75 59.55 18.13
C PRO A 644 16.08 59.21 19.59
N LYS A 645 17.34 59.42 19.94
CA LYS A 645 17.81 59.11 21.28
C LYS A 645 17.22 60.07 22.32
N ASP A 653 16.54 52.54 27.95
CA ASP A 653 15.38 51.71 28.26
C ASP A 653 14.08 52.43 27.92
N LEU A 654 13.14 51.71 27.34
CA LEU A 654 11.86 52.28 26.97
C LEU A 654 10.83 51.15 26.90
N ASN A 655 9.57 51.50 27.11
CA ASN A 655 8.49 50.51 27.11
C ASN A 655 8.15 50.11 25.68
N ARG A 656 7.12 49.27 25.55
CA ARG A 656 6.72 48.73 24.25
C ARG A 656 5.64 49.57 23.57
N ASP A 657 4.82 50.28 24.34
CA ASP A 657 3.69 50.99 23.74
C ASP A 657 4.16 52.20 22.93
N ASP A 658 5.01 53.04 23.54
CA ASP A 658 5.49 54.22 22.84
C ASP A 658 6.40 53.88 21.67
N VAL A 659 7.01 52.70 21.68
CA VAL A 659 7.76 52.25 20.51
C VAL A 659 6.81 51.97 19.35
N GLU A 660 5.67 51.33 19.64
CA GLU A 660 4.66 51.01 18.63
C GLU A 660 3.59 52.10 18.51
N SER A 661 3.94 53.35 18.80
CA SER A 661 2.96 54.43 18.70
C SER A 661 2.46 54.59 17.27
N GLU A 662 3.37 54.96 16.36
CA GLU A 662 3.05 55.08 14.95
C GLU A 662 4.19 54.49 14.14
N LEU A 663 3.86 53.83 13.04
CA LEU A 663 4.87 53.14 12.26
C LEU A 663 4.80 53.55 10.79
N THR A 664 5.55 52.85 9.94
CA THR A 664 5.54 53.10 8.50
C THR A 664 5.58 51.75 7.78
N PHE A 665 4.64 51.55 6.86
CA PHE A 665 4.55 50.28 6.16
C PHE A 665 5.74 50.09 5.23
N ASN A 666 6.24 48.85 5.15
CA ASN A 666 7.42 48.55 4.37
C ASN A 666 7.21 47.40 3.39
N GLY A 667 6.44 46.40 3.77
CA GLY A 667 6.21 45.28 2.89
C GLY A 667 5.71 44.08 3.66
N PHE A 668 5.54 42.98 2.92
CA PHE A 668 5.06 41.72 3.45
C PHE A 668 6.15 40.67 3.36
N LEU A 669 5.88 39.49 3.93
CA LEU A 669 6.76 38.33 3.83
C LEU A 669 5.86 37.14 3.63
N ILE A 670 5.89 36.53 2.46
CA ILE A 670 4.92 35.51 2.06
C ILE A 670 5.61 34.16 2.05
N PHE A 671 5.08 33.22 2.82
CA PHE A 671 5.60 31.87 2.90
C PHE A 671 4.53 30.87 2.49
N HIS A 672 4.95 29.77 1.88
CA HIS A 672 4.05 28.65 1.63
C HIS A 672 4.87 27.41 1.31
N CYS A 673 4.24 26.26 1.48
CA CYS A 673 4.87 25.00 1.10
C CYS A 673 4.87 24.86 -0.42
N PRO A 674 6.01 24.56 -1.03
CA PRO A 674 6.07 24.49 -2.50
C PRO A 674 5.73 23.11 -3.04
N LEU A 675 5.14 23.12 -4.23
CA LEU A 675 4.79 21.88 -4.91
C LEU A 675 6.04 21.10 -5.29
N LYS A 676 5.87 19.79 -5.43
CA LYS A 676 6.89 18.97 -6.07
C LYS A 676 6.86 19.21 -7.56
N ASP A 677 8.04 19.26 -8.18
CA ASP A 677 8.12 19.50 -9.61
C ASP A 677 7.65 18.31 -10.46
N ASP A 678 7.08 17.29 -9.82
CA ASP A 678 6.59 16.11 -10.50
C ASP A 678 5.08 15.92 -10.40
N ALA A 679 4.39 16.75 -9.60
CA ALA A 679 2.97 16.52 -9.37
C ALA A 679 2.14 16.93 -10.59
N ILE A 680 2.47 18.05 -11.22
CA ILE A 680 1.67 18.56 -12.33
C ILE A 680 1.67 17.57 -13.48
N GLU A 681 2.84 17.06 -13.84
CA GLU A 681 2.93 16.13 -14.98
C GLU A 681 2.24 14.81 -14.66
N THR A 682 2.39 14.30 -13.44
CA THR A 682 1.72 13.05 -13.09
C THR A 682 0.21 13.20 -13.13
N ILE A 683 -0.31 14.29 -12.58
CA ILE A 683 -1.76 14.46 -12.59
C ILE A 683 -2.27 14.72 -14.00
N LYS A 684 -1.50 15.40 -14.84
CA LYS A 684 -1.91 15.55 -16.23
C LYS A 684 -1.94 14.21 -16.96
N MET A 685 -0.93 13.37 -16.72
CA MET A 685 -0.90 12.05 -17.34
C MET A 685 -2.05 11.19 -16.87
N LEU A 686 -2.44 11.32 -15.60
CA LEU A 686 -3.58 10.56 -15.10
C LEU A 686 -4.91 11.12 -15.61
N ASN A 687 -4.96 12.43 -15.88
CA ASN A 687 -6.19 13.01 -16.42
C ASN A 687 -6.39 12.62 -17.88
N GLU A 688 -5.31 12.57 -18.65
CA GLU A 688 -5.40 12.18 -20.06
C GLU A 688 -5.38 10.67 -20.26
N SER A 689 -5.73 9.90 -19.23
CA SER A 689 -5.71 8.44 -19.31
C SER A 689 -6.96 7.81 -18.71
N SER A 690 -8.05 8.57 -18.60
CA SER A 690 -9.33 8.06 -18.10
C SER A 690 -9.23 7.63 -16.63
N HIS A 691 -8.54 8.43 -15.82
CA HIS A 691 -8.51 8.26 -14.38
C HIS A 691 -9.16 9.46 -13.71
N ARG A 692 -9.83 9.22 -12.59
CA ARG A 692 -10.43 10.27 -11.79
C ARG A 692 -9.62 10.42 -10.51
N SER A 693 -8.84 11.48 -10.42
CA SER A 693 -7.97 11.72 -9.27
C SER A 693 -8.61 12.75 -8.35
N ILE A 694 -8.72 12.40 -7.06
CA ILE A 694 -9.29 13.29 -6.06
C ILE A 694 -8.24 13.57 -4.99
N MET A 695 -8.60 14.38 -4.00
CA MET A 695 -7.68 14.80 -2.96
C MET A 695 -8.35 14.65 -1.60
N ILE A 696 -7.65 14.05 -0.65
CA ILE A 696 -8.13 13.87 0.71
C ILE A 696 -7.05 14.39 1.64
N THR A 697 -7.27 15.55 2.26
CA THR A 697 -6.25 16.23 3.03
C THR A 697 -6.79 16.58 4.42
N GLY A 698 -5.91 17.13 5.25
CA GLY A 698 -6.30 17.56 6.58
C GLY A 698 -6.06 19.03 6.81
N ASP A 699 -5.65 19.75 5.77
CA ASP A 699 -5.42 21.17 5.84
C ASP A 699 -6.74 21.93 5.75
N ASN A 700 -6.66 23.25 5.98
CA ASN A 700 -7.82 24.11 5.85
C ASN A 700 -8.33 24.08 4.42
N PRO A 701 -9.59 24.44 4.20
CA PRO A 701 -10.15 24.35 2.84
C PRO A 701 -9.45 25.24 1.82
N LEU A 702 -9.01 26.44 2.22
CA LEU A 702 -8.46 27.37 1.26
C LEU A 702 -7.17 26.84 0.64
N THR A 703 -6.25 26.35 1.46
CA THR A 703 -4.98 25.85 0.94
C THR A 703 -5.20 24.60 0.07
N ALA A 704 -6.08 23.71 0.49
CA ALA A 704 -6.37 22.52 -0.30
C ALA A 704 -6.95 22.88 -1.65
N VAL A 705 -7.90 23.82 -1.67
CA VAL A 705 -8.51 24.23 -2.94
C VAL A 705 -7.47 24.89 -3.84
N HIS A 706 -6.59 25.72 -3.26
CA HIS A 706 -5.57 26.38 -4.07
C HIS A 706 -4.62 25.36 -4.68
N VAL A 707 -4.16 24.39 -3.89
CA VAL A 707 -3.21 23.42 -4.42
C VAL A 707 -3.88 22.51 -5.45
N ALA A 708 -5.13 22.13 -5.21
CA ALA A 708 -5.83 21.30 -6.19
C ALA A 708 -6.06 22.03 -7.49
N LYS A 709 -6.39 23.32 -7.42
CA LYS A 709 -6.60 24.10 -8.63
C LYS A 709 -5.29 24.36 -9.36
N GLU A 710 -4.18 24.47 -8.64
CA GLU A 710 -2.89 24.68 -9.28
C GLU A 710 -2.36 23.41 -9.92
N VAL A 711 -2.61 22.25 -9.31
CA VAL A 711 -2.12 21.00 -9.84
C VAL A 711 -2.96 20.54 -11.03
N GLY A 712 -4.28 20.71 -10.94
CA GLY A 712 -5.14 20.32 -12.04
C GLY A 712 -6.23 19.32 -11.66
N ILE A 713 -6.62 19.31 -10.39
CA ILE A 713 -7.71 18.44 -9.96
C ILE A 713 -9.07 19.09 -10.18
N VAL A 714 -9.17 20.41 -9.97
CA VAL A 714 -10.38 21.17 -10.31
C VAL A 714 -9.99 22.22 -11.33
N PHE A 715 -10.96 22.60 -12.17
CA PHE A 715 -10.69 23.54 -13.25
C PHE A 715 -11.46 24.85 -13.07
N GLY A 716 -12.77 24.82 -12.94
CA GLY A 716 -13.57 26.03 -12.90
C GLY A 716 -13.70 26.64 -11.51
N GLU A 717 -14.88 27.18 -11.21
CA GLU A 717 -15.14 27.75 -9.90
C GLU A 717 -15.46 26.65 -8.89
N THR A 718 -15.10 26.89 -7.64
CA THR A 718 -15.22 25.90 -6.59
C THR A 718 -16.07 26.43 -5.44
N LEU A 719 -16.93 25.58 -4.91
CA LEU A 719 -17.72 25.86 -3.72
C LEU A 719 -17.23 25.00 -2.56
N ILE A 720 -17.59 25.39 -1.34
CA ILE A 720 -17.10 24.74 -0.13
C ILE A 720 -18.28 24.55 0.82
N LEU A 721 -18.40 23.33 1.37
CA LEU A 721 -19.34 23.03 2.44
C LEU A 721 -18.64 23.15 3.78
N ASP A 722 -19.02 24.15 4.57
CA ASP A 722 -18.52 24.31 5.92
C ASP A 722 -19.63 24.90 6.78
N ARG A 723 -19.39 24.96 8.08
CA ARG A 723 -20.38 25.47 9.00
C ARG A 723 -20.76 26.91 8.65
N ALA A 724 -22.06 27.20 8.69
CA ALA A 724 -22.52 28.55 8.40
C ALA A 724 -22.26 29.50 9.55
N GLY A 725 -22.85 29.22 10.71
CA GLY A 725 -22.62 30.02 11.89
C GLY A 725 -21.40 29.56 12.67
N LYS A 726 -21.47 29.62 13.99
CA LYS A 726 -20.37 29.19 14.84
C LYS A 726 -20.76 28.10 15.81
N SER A 727 -21.85 28.29 16.56
CA SER A 727 -22.13 27.45 17.72
C SER A 727 -22.43 25.98 17.39
N ASP A 728 -23.55 25.72 16.73
CA ASP A 728 -24.09 24.36 16.67
C ASP A 728 -25.22 24.34 15.64
N ASP A 729 -26.01 23.27 15.69
CA ASP A 729 -27.24 23.00 14.95
C ASP A 729 -27.01 22.45 13.54
N ASN A 730 -25.76 22.27 13.11
CA ASN A 730 -25.45 21.56 11.88
C ASN A 730 -26.19 22.15 10.68
N GLN A 731 -25.86 23.40 10.37
CA GLN A 731 -26.41 24.09 9.20
C GLN A 731 -25.24 24.52 8.33
N LEU A 732 -25.11 23.90 7.16
CA LEU A 732 -23.98 24.11 6.28
C LEU A 732 -24.23 25.31 5.37
N LEU A 733 -23.26 25.61 4.50
CA LEU A 733 -23.35 26.80 3.66
C LEU A 733 -22.42 26.63 2.47
N PHE A 734 -22.99 26.64 1.27
CA PHE A 734 -22.18 26.63 0.05
C PHE A 734 -21.65 28.03 -0.19
N ARG A 735 -20.33 28.18 -0.19
CA ARG A 735 -19.72 29.50 -0.26
C ARG A 735 -18.48 29.43 -1.14
N ASP A 736 -18.34 30.42 -2.02
CA ASP A 736 -17.19 30.49 -2.90
C ASP A 736 -15.92 30.76 -2.08
N VAL A 737 -14.78 30.67 -2.76
CA VAL A 737 -13.51 31.04 -2.12
C VAL A 737 -13.57 32.50 -1.68
N GLU A 738 -14.06 33.37 -2.56
CA GLU A 738 -14.30 34.75 -2.21
C GLU A 738 -15.69 34.85 -1.56
N GLU A 739 -16.20 36.07 -1.42
CA GLU A 739 -17.49 36.29 -0.76
C GLU A 739 -18.60 36.59 -1.77
N THR A 740 -18.56 35.96 -2.94
CA THR A 740 -19.52 36.27 -3.99
C THR A 740 -20.85 35.56 -3.78
N VAL A 741 -20.84 34.23 -3.79
CA VAL A 741 -22.05 33.43 -3.70
C VAL A 741 -22.08 32.72 -2.35
N SER A 742 -23.27 32.65 -1.75
CA SER A 742 -23.44 32.00 -0.46
C SER A 742 -24.81 31.32 -0.46
N ILE A 743 -24.83 30.03 -0.75
CA ILE A 743 -26.05 29.24 -0.82
C ILE A 743 -26.18 28.45 0.48
N PRO A 744 -27.24 28.66 1.27
CA PRO A 744 -27.38 27.91 2.52
C PRO A 744 -27.73 26.44 2.28
N PHE A 745 -27.83 25.67 3.36
CA PHE A 745 -28.18 24.26 3.26
C PHE A 745 -28.62 23.76 4.62
N ASP A 746 -29.56 22.83 4.61
CA ASP A 746 -30.03 22.20 5.84
C ASP A 746 -30.08 20.69 5.64
N PRO A 747 -29.32 19.92 6.42
CA PRO A 747 -29.26 18.46 6.19
C PRO A 747 -30.54 17.72 6.52
N SER A 748 -31.58 18.40 7.00
CA SER A 748 -32.86 17.76 7.30
C SER A 748 -34.01 18.25 6.43
N LYS A 749 -33.85 19.38 5.75
CA LYS A 749 -34.91 19.94 4.92
C LYS A 749 -34.54 19.92 3.43
N ASP A 750 -33.41 20.52 3.08
CA ASP A 750 -33.06 20.74 1.68
C ASP A 750 -32.50 19.47 1.05
N THR A 751 -32.50 19.44 -0.27
CA THR A 751 -31.93 18.36 -1.06
C THR A 751 -31.05 18.95 -2.15
N PHE A 752 -30.07 18.17 -2.58
CA PHE A 752 -29.05 18.67 -3.50
C PHE A 752 -29.69 19.00 -4.85
N ASP A 753 -29.76 20.28 -5.18
CA ASP A 753 -30.25 20.72 -6.48
C ASP A 753 -29.13 20.49 -7.47
N HIS A 754 -29.19 19.37 -8.19
CA HIS A 754 -28.12 19.01 -9.10
C HIS A 754 -27.93 20.06 -10.19
N SER A 755 -29.04 20.59 -10.72
CA SER A 755 -28.98 21.43 -11.90
C SER A 755 -28.15 22.70 -11.67
N LYS A 756 -28.36 23.37 -10.54
CA LYS A 756 -27.69 24.64 -10.30
C LYS A 756 -26.41 24.49 -9.49
N LEU A 757 -26.16 23.33 -8.88
CA LEU A 757 -24.95 23.13 -8.10
C LEU A 757 -23.88 22.33 -8.85
N PHE A 758 -24.23 21.13 -9.32
CA PHE A 758 -23.20 20.22 -9.80
C PHE A 758 -22.81 20.48 -11.25
N ASP A 759 -23.69 21.08 -12.05
CA ASP A 759 -23.38 21.34 -13.45
C ASP A 759 -22.60 22.63 -13.66
N ARG A 760 -22.65 23.57 -12.70
CA ARG A 760 -22.03 24.86 -12.88
C ARG A 760 -20.82 25.11 -11.97
N TYR A 761 -20.67 24.35 -10.89
CA TYR A 761 -19.61 24.57 -9.93
C TYR A 761 -19.00 23.26 -9.48
N ASP A 762 -17.67 23.22 -9.41
CA ASP A 762 -17.01 22.20 -8.62
C ASP A 762 -17.21 22.51 -7.14
N ILE A 763 -17.18 21.47 -6.30
CA ILE A 763 -17.36 21.67 -4.88
C ILE A 763 -16.31 20.87 -4.10
N ALA A 764 -16.18 21.21 -2.83
CA ALA A 764 -15.20 20.59 -1.94
C ALA A 764 -15.80 20.53 -0.54
N VAL A 765 -15.98 19.31 -0.02
CA VAL A 765 -16.62 19.11 1.27
C VAL A 765 -15.57 19.08 2.36
N THR A 766 -15.86 19.76 3.47
CA THR A 766 -14.96 19.74 4.62
C THR A 766 -15.29 18.51 5.48
N GLY A 767 -14.74 18.47 6.69
CA GLY A 767 -14.97 17.35 7.58
C GLY A 767 -16.23 17.50 8.41
N TYR A 768 -16.49 18.72 8.87
CA TYR A 768 -17.70 18.99 9.64
C TYR A 768 -18.95 18.76 8.80
N ALA A 769 -18.93 19.22 7.54
CA ALA A 769 -20.08 19.02 6.67
C ALA A 769 -20.26 17.55 6.33
N LEU A 770 -19.17 16.84 6.07
CA LEU A 770 -19.27 15.41 5.80
C LEU A 770 -19.73 14.64 7.03
N ASN A 771 -19.49 15.19 8.22
CA ASN A 771 -19.98 14.55 9.44
C ASN A 771 -21.44 14.86 9.71
N ALA A 772 -21.90 16.04 9.32
CA ALA A 772 -23.30 16.41 9.55
C ALA A 772 -24.25 15.79 8.54
N LEU A 773 -23.76 15.34 7.39
CA LEU A 773 -24.58 14.73 6.37
C LEU A 773 -24.68 13.22 6.52
N GLU A 774 -24.36 12.68 7.69
CA GLU A 774 -24.48 11.25 7.91
C GLU A 774 -25.95 10.85 7.95
N GLY A 775 -26.26 9.72 7.32
CA GLY A 775 -27.63 9.27 7.22
C GLY A 775 -28.46 9.96 6.16
N HIS A 776 -27.88 10.91 5.43
CA HIS A 776 -28.61 11.58 4.37
C HIS A 776 -28.89 10.62 3.23
N SER A 777 -29.94 10.92 2.47
CA SER A 777 -30.34 10.04 1.38
C SER A 777 -29.48 10.24 0.13
N GLN A 778 -28.91 11.43 -0.05
CA GLN A 778 -28.13 11.75 -1.25
C GLN A 778 -26.65 11.93 -0.94
N LEU A 779 -26.15 11.30 0.14
CA LEU A 779 -24.73 11.38 0.43
C LEU A 779 -23.90 10.76 -0.68
N ARG A 780 -24.38 9.68 -1.28
CA ARG A 780 -23.63 9.04 -2.35
C ARG A 780 -23.71 9.85 -3.65
N ASP A 781 -24.88 10.44 -3.92
CA ASP A 781 -24.98 11.35 -5.06
C ASP A 781 -24.08 12.56 -4.89
N LEU A 782 -23.82 12.95 -3.64
CA LEU A 782 -22.83 14.01 -3.39
C LEU A 782 -21.42 13.50 -3.64
N LEU A 783 -21.07 12.35 -3.04
CA LEU A 783 -19.73 11.80 -3.20
C LEU A 783 -19.38 11.49 -4.64
N ARG A 784 -20.39 11.34 -5.51
CA ARG A 784 -20.10 11.18 -6.93
C ARG A 784 -19.72 12.47 -7.62
N HIS A 785 -19.71 13.61 -6.92
CA HIS A 785 -19.46 14.89 -7.57
C HIS A 785 -18.48 15.79 -6.82
N THR A 786 -17.79 15.30 -5.80
CA THR A 786 -16.82 16.08 -5.05
C THR A 786 -15.42 15.53 -5.28
N TRP A 787 -14.45 16.42 -5.48
CA TRP A 787 -13.09 16.02 -5.76
C TRP A 787 -12.09 16.41 -4.68
N VAL A 788 -12.49 17.23 -3.70
CA VAL A 788 -11.58 17.70 -2.66
C VAL A 788 -12.26 17.57 -1.31
N TYR A 789 -11.61 16.89 -0.38
CA TYR A 789 -12.07 16.79 1.00
C TYR A 789 -11.00 17.38 1.91
N ALA A 790 -11.34 18.46 2.60
CA ALA A 790 -10.41 19.16 3.47
C ALA A 790 -10.84 19.04 4.92
N ARG A 791 -9.84 19.00 5.81
CA ARG A 791 -10.07 18.93 7.26
C ARG A 791 -10.86 17.68 7.64
N VAL A 792 -10.39 16.52 7.20
CA VAL A 792 -10.99 15.24 7.58
C VAL A 792 -10.11 14.56 8.60
N SER A 793 -10.75 13.83 9.51
CA SER A 793 -10.05 13.13 10.58
C SER A 793 -9.51 11.80 10.07
N PRO A 794 -8.55 11.21 10.78
CA PRO A 794 -8.00 9.92 10.34
C PRO A 794 -9.02 8.80 10.23
N SER A 795 -10.20 8.95 10.83
CA SER A 795 -11.23 7.93 10.80
C SER A 795 -12.30 8.21 9.75
N GLN A 796 -12.18 9.30 8.99
CA GLN A 796 -13.10 9.56 7.89
C GLN A 796 -12.54 9.21 6.53
N LYS A 797 -11.21 9.15 6.39
CA LYS A 797 -10.62 8.65 5.15
C LYS A 797 -10.99 7.18 4.93
N GLU A 798 -10.98 6.39 6.00
CA GLU A 798 -11.43 5.00 5.91
C GLU A 798 -12.88 4.94 5.46
N PHE A 799 -13.73 5.80 6.03
CA PHE A 799 -15.15 5.80 5.65
C PHE A 799 -15.31 6.17 4.18
N LEU A 800 -14.56 7.16 3.70
CA LEU A 800 -14.65 7.56 2.31
C LEU A 800 -14.20 6.44 1.37
N LEU A 801 -13.08 5.78 1.71
CA LEU A 801 -12.61 4.71 0.84
C LEU A 801 -13.56 3.51 0.87
N ASN A 802 -14.16 3.22 2.03
CA ASN A 802 -15.14 2.14 2.09
C ASN A 802 -16.38 2.46 1.27
N THR A 803 -16.82 3.72 1.29
CA THR A 803 -17.96 4.10 0.46
C THR A 803 -17.62 4.01 -1.03
N LEU A 804 -16.41 4.44 -1.40
CA LEU A 804 -16.01 4.38 -2.80
C LEU A 804 -15.80 2.95 -3.27
N LYS A 805 -15.48 2.03 -2.35
CA LYS A 805 -15.39 0.62 -2.72
C LYS A 805 -16.75 -0.04 -2.75
N ASP A 806 -17.70 0.43 -1.94
CA ASP A 806 -19.06 -0.11 -2.00
C ASP A 806 -19.80 0.40 -3.23
N MET A 807 -19.44 1.58 -3.74
CA MET A 807 -20.06 2.08 -4.96
C MET A 807 -19.71 1.24 -6.17
N GLY A 808 -18.65 0.45 -6.10
CA GLY A 808 -18.24 -0.42 -7.19
C GLY A 808 -16.94 -0.04 -7.85
N TYR A 809 -16.33 1.09 -7.47
CA TYR A 809 -15.10 1.52 -8.11
C TYR A 809 -13.90 0.83 -7.46
N GLN A 810 -12.77 0.90 -8.16
CA GLN A 810 -11.49 0.41 -7.64
C GLN A 810 -10.63 1.61 -7.29
N THR A 811 -10.20 1.66 -6.03
CA THR A 811 -9.58 2.85 -5.48
C THR A 811 -8.07 2.68 -5.34
N LEU A 812 -7.38 3.80 -5.12
CA LEU A 812 -5.95 3.85 -4.89
C LEU A 812 -5.67 4.98 -3.91
N MET A 813 -4.71 4.76 -3.03
CA MET A 813 -4.31 5.76 -2.04
C MET A 813 -2.81 5.94 -2.08
N CYS A 814 -2.37 7.20 -2.02
CA CYS A 814 -0.94 7.54 -2.10
C CYS A 814 -0.66 8.62 -1.05
N GLY A 815 -0.16 8.21 0.12
CA GLY A 815 0.12 9.13 1.19
C GLY A 815 1.36 8.71 1.96
N ASP A 816 1.73 9.54 2.94
CA ASP A 816 2.93 9.31 3.74
C ASP A 816 2.75 9.45 5.24
N GLY A 817 1.67 10.06 5.71
CA GLY A 817 1.52 10.36 7.12
C GLY A 817 1.00 9.19 7.93
N THR A 818 0.80 9.46 9.21
CA THR A 818 0.23 8.48 10.13
C THR A 818 -1.29 8.53 10.18
N ASN A 819 -1.89 9.65 9.76
CA ASN A 819 -3.34 9.77 9.82
C ASN A 819 -4.04 8.98 8.73
N ASP A 820 -3.36 8.67 7.63
CA ASP A 820 -3.94 7.91 6.53
C ASP A 820 -3.38 6.49 6.47
N VAL A 821 -3.16 5.87 7.62
CA VAL A 821 -2.69 4.48 7.63
C VAL A 821 -3.85 3.54 7.35
N GLY A 822 -5.01 3.79 7.94
CA GLY A 822 -6.18 2.98 7.66
C GLY A 822 -6.66 3.13 6.23
N ALA A 823 -6.54 4.34 5.67
CA ALA A 823 -6.89 4.54 4.27
C ALA A 823 -5.97 3.73 3.37
N LEU A 824 -4.67 3.74 3.65
CA LEU A 824 -3.73 2.95 2.85
C LEU A 824 -4.04 1.46 2.96
N LYS A 825 -4.43 0.99 4.15
CA LYS A 825 -4.71 -0.42 4.31
C LYS A 825 -6.03 -0.83 3.64
N GLN A 826 -7.01 0.07 3.60
CA GLN A 826 -8.32 -0.29 3.08
C GLN A 826 -8.40 -0.26 1.57
N ALA A 827 -7.55 0.53 0.91
CA ALA A 827 -7.62 0.67 -0.54
C ALA A 827 -7.19 -0.62 -1.22
N HIS A 828 -7.58 -0.75 -2.50
CA HIS A 828 -7.20 -1.92 -3.28
C HIS A 828 -5.69 -1.97 -3.49
N VAL A 829 -5.07 -0.81 -3.67
CA VAL A 829 -3.62 -0.72 -3.81
C VAL A 829 -3.13 0.57 -3.18
N GLY A 830 -2.27 0.45 -2.17
CA GLY A 830 -1.78 1.60 -1.42
C GLY A 830 -0.30 1.81 -1.63
N ILE A 831 0.12 3.07 -1.65
CA ILE A 831 1.51 3.45 -1.89
C ILE A 831 1.94 4.42 -0.80
N ALA A 832 3.15 4.23 -0.28
CA ALA A 832 3.69 5.08 0.77
C ALA A 832 4.96 5.73 0.25
N LEU A 833 4.92 7.05 0.05
CA LEU A 833 6.04 7.79 -0.51
C LEU A 833 6.99 8.18 0.61
N LEU A 834 8.15 7.56 0.66
CA LEU A 834 9.19 7.92 1.62
C LEU A 834 9.94 9.15 1.11
N ASN A 835 11.04 9.50 1.77
CA ASN A 835 11.89 10.59 1.35
C ASN A 835 13.22 10.03 0.85
N GLY A 836 13.91 10.84 0.05
CA GLY A 836 15.19 10.43 -0.51
C GLY A 836 15.30 10.69 -1.99
N THR A 837 16.35 11.37 -2.40
CA THR A 837 16.57 11.66 -3.81
C THR A 837 17.26 10.48 -4.49
N GLU A 838 17.32 10.55 -5.82
CA GLU A 838 17.96 9.48 -6.59
C GLU A 838 19.47 9.45 -6.35
N GLU A 839 20.11 10.62 -6.37
CA GLU A 839 21.56 10.67 -6.17
C GLU A 839 21.93 10.26 -4.76
N GLY A 840 21.11 10.61 -3.77
CA GLY A 840 21.37 10.17 -2.41
C GLY A 840 21.28 8.67 -2.27
N LEU A 841 20.28 8.06 -2.90
CA LEU A 841 20.16 6.60 -2.86
C LEU A 841 21.33 5.93 -3.58
N LYS A 842 21.77 6.50 -4.71
CA LYS A 842 22.93 5.95 -5.41
C LYS A 842 24.18 6.03 -4.55
N LYS A 843 24.40 7.17 -3.88
CA LYS A 843 25.56 7.31 -3.02
C LYS A 843 25.49 6.34 -1.84
N LEU A 844 24.31 6.18 -1.25
CA LEU A 844 24.16 5.24 -0.14
C LEU A 844 24.44 3.81 -0.58
N GLY A 845 23.95 3.44 -1.77
CA GLY A 845 24.21 2.10 -2.28
C GLY A 845 25.69 1.90 -2.57
N GLU A 846 26.35 2.90 -3.13
CA GLU A 846 27.79 2.79 -3.38
C GLU A 846 28.57 2.64 -2.08
N GLN A 847 28.18 3.40 -1.05
CA GLN A 847 28.85 3.28 0.25
C GLN A 847 28.61 1.91 0.87
N ARG A 848 27.38 1.39 0.76
CA ARG A 848 27.09 0.06 1.26
C ARG A 848 27.92 -0.99 0.55
N ARG A 849 28.06 -0.87 -0.78
CA ARG A 849 28.86 -1.82 -1.53
C ARG A 849 30.33 -1.74 -1.13
N LEU A 850 30.86 -0.53 -0.98
CA LEU A 850 32.26 -0.38 -0.60
C LEU A 850 32.52 -0.89 0.81
N GLU A 851 31.54 -0.75 1.71
CA GLU A 851 31.73 -1.25 3.07
C GLU A 851 31.56 -2.76 3.14
N GLY A 852 30.69 -3.34 2.30
CA GLY A 852 30.50 -4.79 2.33
C GLY A 852 31.62 -5.53 1.60
N ALA A 950 22.60 15.18 2.30
CA ALA A 950 21.80 14.03 1.91
C ALA A 950 21.34 13.24 3.12
N PRO A 951 20.22 13.64 3.71
CA PRO A 951 19.72 12.94 4.89
C PRO A 951 19.19 11.56 4.55
N ALA A 952 19.28 10.66 5.52
CA ALA A 952 18.80 9.31 5.33
C ALA A 952 17.28 9.29 5.25
N LEU A 953 16.73 8.11 4.96
CA LEU A 953 15.29 7.93 4.83
C LEU A 953 14.72 7.34 6.10
N LYS A 954 13.47 7.71 6.39
CA LYS A 954 12.76 7.26 7.57
C LYS A 954 11.59 6.36 7.17
N LEU A 955 11.44 5.24 7.87
CA LEU A 955 10.43 4.27 7.50
C LEU A 955 9.03 4.75 7.89
N GLY A 956 8.89 5.33 9.06
CA GLY A 956 7.61 5.89 9.47
C GLY A 956 6.54 4.84 9.68
N ASP A 957 5.31 5.34 9.88
CA ASP A 957 4.18 4.49 10.19
C ASP A 957 3.30 4.18 8.99
N ALA A 958 3.45 4.92 7.89
CA ALA A 958 2.64 4.69 6.71
C ALA A 958 3.16 3.52 5.86
N SER A 959 4.44 3.17 5.99
CA SER A 959 5.00 2.05 5.25
C SER A 959 4.65 0.70 5.87
N CYS A 960 4.07 0.68 7.06
CA CYS A 960 3.67 -0.57 7.69
C CYS A 960 2.38 -1.12 7.10
N ALA A 961 1.49 -0.24 6.65
CA ALA A 961 0.20 -0.66 6.09
C ALA A 961 0.21 -0.73 4.58
N ALA A 962 0.85 0.21 3.90
CA ALA A 962 0.88 0.21 2.45
C ALA A 962 1.67 -0.99 1.94
N PRO A 963 1.10 -1.82 1.07
CA PRO A 963 1.90 -2.90 0.47
C PRO A 963 3.11 -2.39 -0.31
N PHE A 964 2.91 -1.42 -1.19
CA PHE A 964 4.00 -0.84 -1.96
C PHE A 964 4.64 0.30 -1.18
N THR A 965 5.93 0.53 -1.42
CA THR A 965 6.67 1.54 -0.68
C THR A 965 7.73 2.14 -1.60
N SER A 966 7.40 3.27 -2.23
CA SER A 966 8.35 3.95 -3.11
C SER A 966 9.42 4.63 -2.26
N LYS A 967 10.63 4.08 -2.27
CA LYS A 967 11.71 4.65 -1.48
C LYS A 967 12.14 6.03 -1.97
N LEU A 968 11.68 6.45 -3.13
CA LEU A 968 11.91 7.81 -3.60
C LEU A 968 10.75 8.71 -3.17
N ALA A 969 10.90 10.01 -3.43
CA ALA A 969 9.90 10.98 -3.00
C ALA A 969 8.96 11.41 -4.12
N ASN A 970 9.34 11.24 -5.38
CA ASN A 970 8.54 11.77 -6.48
C ASN A 970 7.23 11.00 -6.62
N VAL A 971 6.27 11.65 -7.30
CA VAL A 971 4.92 11.11 -7.42
C VAL A 971 4.77 10.22 -8.65
N SER A 972 5.78 10.13 -9.51
CA SER A 972 5.71 9.27 -10.68
C SER A 972 5.67 7.79 -10.34
N ALA A 973 5.85 7.43 -9.07
CA ALA A 973 5.73 6.04 -8.67
C ALA A 973 4.34 5.50 -8.99
N VAL A 974 3.30 6.33 -8.82
CA VAL A 974 1.95 5.91 -9.14
C VAL A 974 1.84 5.55 -10.62
N THR A 975 2.36 6.41 -11.48
CA THR A 975 2.31 6.16 -12.92
C THR A 975 3.06 4.90 -13.29
N ASN A 976 4.26 4.71 -12.73
CA ASN A 976 5.05 3.53 -13.05
C ASN A 976 4.35 2.26 -12.58
N ILE A 977 3.72 2.31 -11.39
CA ILE A 977 3.04 1.13 -10.89
C ILE A 977 1.82 0.79 -11.75
N ILE A 978 1.10 1.80 -12.21
CA ILE A 978 -0.05 1.53 -13.08
C ILE A 978 0.43 0.96 -14.42
N ARG A 979 1.53 1.50 -14.94
CA ARG A 979 2.08 1.01 -16.21
C ARG A 979 2.57 -0.42 -16.09
N GLN A 980 3.04 -0.84 -14.91
CA GLN A 980 3.42 -2.22 -14.73
C GLN A 980 2.21 -3.13 -14.49
N GLY A 981 1.17 -2.61 -13.82
CA GLY A 981 -0.02 -3.41 -13.60
C GLY A 981 -0.75 -3.73 -14.88
N ARG A 982 -0.81 -2.76 -15.81
CA ARG A 982 -1.41 -3.04 -17.11
C ARG A 982 -0.70 -4.20 -17.81
N CYS A 983 0.63 -4.16 -17.84
CA CYS A 983 1.40 -5.21 -18.50
C CYS A 983 1.21 -6.56 -17.81
N ALA A 984 1.21 -6.58 -16.48
CA ALA A 984 1.03 -7.84 -15.78
C ALA A 984 -0.34 -8.45 -16.06
N LEU A 985 -1.39 -7.61 -16.06
CA LEU A 985 -2.73 -8.12 -16.34
C LEU A 985 -2.83 -8.64 -17.77
N VAL A 986 -2.24 -7.93 -18.72
CA VAL A 986 -2.26 -8.39 -20.10
C VAL A 986 -1.58 -9.74 -20.24
N ASN A 987 -0.40 -9.88 -19.60
CA ASN A 987 0.31 -11.15 -19.67
C ASN A 987 -0.50 -12.28 -19.07
N THR A 988 -1.14 -12.04 -17.93
CA THR A 988 -1.94 -13.09 -17.30
C THR A 988 -3.08 -13.53 -18.21
N ILE A 989 -3.78 -12.56 -18.82
CA ILE A 989 -4.91 -12.91 -19.68
C ILE A 989 -4.44 -13.71 -20.89
N GLN A 990 -3.36 -13.26 -21.53
CA GLN A 990 -2.87 -13.98 -22.72
C GLN A 990 -2.40 -15.38 -22.37
N MET A 991 -1.74 -15.54 -21.22
CA MET A 991 -1.29 -16.87 -20.83
C MET A 991 -2.47 -17.80 -20.56
N TYR A 992 -3.50 -17.30 -19.87
CA TYR A 992 -4.70 -18.12 -19.68
C TYR A 992 -5.29 -18.56 -21.00
N LYS A 993 -5.44 -17.62 -21.95
CA LYS A 993 -6.07 -17.96 -23.22
C LYS A 993 -5.25 -19.00 -23.99
N ILE A 994 -3.93 -18.79 -24.06
CA ILE A 994 -3.08 -19.72 -24.81
C ILE A 994 -3.10 -21.10 -24.16
N LEU A 995 -3.05 -21.15 -22.83
CA LEU A 995 -3.09 -22.44 -22.14
C LEU A 995 -4.41 -23.16 -22.40
N ALA A 996 -5.53 -22.43 -22.34
CA ALA A 996 -6.82 -23.06 -22.59
C ALA A 996 -6.86 -23.67 -23.99
N LEU A 997 -6.43 -22.90 -24.99
CA LEU A 997 -6.47 -23.39 -26.37
C LEU A 997 -5.57 -24.61 -26.55
N ASN A 998 -4.34 -24.54 -26.05
CA ASN A 998 -3.41 -25.66 -26.22
C ASN A 998 -3.91 -26.90 -25.49
N CYS A 999 -4.53 -26.71 -24.31
CA CYS A 999 -5.02 -27.86 -23.56
C CYS A 999 -6.20 -28.52 -24.27
N LEU A 1000 -7.13 -27.72 -24.81
CA LEU A 1000 -8.23 -28.30 -25.57
C LEU A 1000 -7.72 -29.06 -26.79
N ILE A 1001 -6.77 -28.46 -27.53
CA ILE A 1001 -6.25 -29.10 -28.72
C ILE A 1001 -5.53 -30.40 -28.35
N SER A 1002 -4.77 -30.39 -27.27
CA SER A 1002 -4.05 -31.60 -26.86
C SER A 1002 -5.02 -32.69 -26.41
N ALA A 1003 -6.08 -32.32 -25.70
CA ALA A 1003 -7.06 -33.29 -25.27
C ALA A 1003 -7.73 -33.95 -26.46
N TYR A 1004 -8.15 -33.16 -27.44
CA TYR A 1004 -8.72 -33.75 -28.65
C TYR A 1004 -7.71 -34.63 -29.36
N SER A 1005 -6.47 -34.15 -29.50
CA SER A 1005 -5.44 -34.93 -30.17
C SER A 1005 -5.30 -36.29 -29.53
N LEU A 1006 -5.09 -36.33 -28.22
CA LEU A 1006 -5.03 -37.62 -27.52
C LEU A 1006 -6.27 -38.45 -27.81
N SER A 1007 -7.44 -37.96 -27.39
CA SER A 1007 -8.67 -38.75 -27.46
C SER A 1007 -8.90 -39.37 -28.83
N ILE A 1008 -8.88 -38.55 -29.88
CA ILE A 1008 -9.25 -39.06 -31.20
C ILE A 1008 -8.07 -39.67 -31.92
N ILE A 1009 -6.94 -38.97 -32.00
CA ILE A 1009 -5.80 -39.45 -32.77
C ILE A 1009 -5.27 -40.75 -32.20
N TYR A 1010 -5.10 -40.83 -30.88
CA TYR A 1010 -4.54 -42.03 -30.27
C TYR A 1010 -5.41 -43.26 -30.53
N MET A 1011 -6.70 -43.08 -30.81
CA MET A 1011 -7.55 -44.20 -31.19
C MET A 1011 -7.30 -44.66 -32.62
N ALA A 1012 -6.41 -44.02 -33.35
CA ALA A 1012 -5.98 -44.46 -34.67
C ALA A 1012 -4.50 -44.81 -34.64
N GLY A 1013 -4.03 -45.37 -35.75
CA GLY A 1013 -2.63 -45.76 -35.85
C GLY A 1013 -1.73 -44.61 -36.21
N VAL A 1014 -1.73 -43.56 -35.39
CA VAL A 1014 -0.97 -42.34 -35.64
C VAL A 1014 0.00 -42.14 -34.48
N LYS A 1015 1.29 -42.07 -34.81
CA LYS A 1015 2.33 -41.81 -33.81
C LYS A 1015 3.56 -41.33 -34.55
N PHE A 1016 4.39 -40.55 -33.86
CA PHE A 1016 5.55 -39.91 -34.47
C PHE A 1016 6.82 -40.39 -33.78
N GLY A 1017 7.93 -40.33 -34.51
CA GLY A 1017 9.22 -40.65 -33.94
C GLY A 1017 9.65 -39.61 -32.92
N ASP A 1018 10.69 -39.97 -32.16
CA ASP A 1018 11.18 -39.05 -31.12
C ASP A 1018 11.86 -37.83 -31.75
N GLY A 1019 12.51 -38.02 -32.89
CA GLY A 1019 13.27 -36.92 -33.48
C GLY A 1019 12.40 -35.72 -33.81
N GLN A 1020 11.33 -35.94 -34.60
CA GLN A 1020 10.44 -34.84 -34.97
C GLN A 1020 9.80 -34.23 -33.73
N ALA A 1021 9.37 -35.07 -32.79
CA ALA A 1021 8.72 -34.57 -31.58
C ALA A 1021 9.63 -33.62 -30.82
N THR A 1022 10.88 -34.01 -30.58
CA THR A 1022 11.80 -33.13 -29.86
C THR A 1022 12.14 -31.89 -30.66
N VAL A 1023 12.37 -32.05 -31.96
CA VAL A 1023 12.77 -30.91 -32.78
C VAL A 1023 11.68 -29.84 -32.78
N SER A 1024 10.42 -30.26 -32.80
CA SER A 1024 9.34 -29.29 -32.76
C SER A 1024 9.11 -28.77 -31.34
N GLY A 1025 9.22 -29.65 -30.34
CA GLY A 1025 8.93 -29.26 -28.97
C GLY A 1025 9.92 -28.24 -28.43
N LEU A 1026 11.17 -28.31 -28.87
CA LEU A 1026 12.15 -27.32 -28.43
C LEU A 1026 11.76 -25.92 -28.90
N LEU A 1027 11.39 -25.77 -30.17
CA LEU A 1027 10.96 -24.47 -30.66
C LEU A 1027 9.66 -24.03 -29.99
N LEU A 1028 8.75 -24.98 -29.75
CA LEU A 1028 7.52 -24.65 -29.05
C LEU A 1028 7.80 -24.10 -27.65
N SER A 1029 8.71 -24.75 -26.92
CA SER A 1029 9.07 -24.27 -25.58
C SER A 1029 9.77 -22.92 -25.64
N VAL A 1030 10.61 -22.72 -26.66
CA VAL A 1030 11.26 -21.43 -26.84
C VAL A 1030 10.22 -20.33 -26.99
N CYS A 1031 9.24 -20.54 -27.87
CA CYS A 1031 8.20 -19.53 -28.06
C CYS A 1031 7.37 -19.33 -26.79
N PHE A 1032 7.03 -20.43 -26.12
CA PHE A 1032 6.19 -20.34 -24.93
C PHE A 1032 6.89 -19.55 -23.82
N LEU A 1033 8.19 -19.74 -23.68
CA LEU A 1033 8.94 -18.96 -22.69
C LEU A 1033 9.11 -17.52 -23.14
N SER A 1034 9.29 -17.29 -24.44
CA SER A 1034 9.46 -15.94 -24.95
C SER A 1034 8.17 -15.12 -24.83
N ILE A 1035 7.02 -15.80 -24.69
CA ILE A 1035 5.75 -15.09 -24.56
C ILE A 1035 5.77 -14.12 -23.38
N SER A 1036 6.29 -14.57 -22.23
CA SER A 1036 6.18 -13.77 -21.01
C SER A 1036 7.00 -12.50 -21.09
N ARG A 1037 8.11 -12.53 -21.83
CA ARG A 1037 9.04 -11.41 -21.87
C ARG A 1037 8.53 -10.35 -22.84
N GLY A 1038 8.05 -9.23 -22.30
CA GLY A 1038 7.60 -8.12 -23.12
C GLY A 1038 7.71 -6.83 -22.34
N LYS A 1039 7.87 -5.73 -23.09
CA LYS A 1039 8.07 -4.42 -22.49
C LYS A 1039 6.85 -3.54 -22.68
N PRO A 1040 6.36 -2.91 -21.61
CA PRO A 1040 5.18 -2.05 -21.76
C PRO A 1040 5.51 -0.74 -22.44
N LEU A 1041 4.52 -0.19 -23.13
CA LEU A 1041 4.70 1.09 -23.81
C LEU A 1041 4.93 2.21 -22.80
N GLU A 1042 5.41 3.35 -23.31
CA GLU A 1042 5.69 4.49 -22.45
C GLU A 1042 4.45 5.33 -22.17
N LYS A 1043 3.50 5.36 -23.09
CA LYS A 1043 2.32 6.19 -22.98
C LYS A 1043 1.16 5.40 -22.36
N LEU A 1044 0.43 6.03 -21.46
CA LEU A 1044 -0.76 5.41 -20.89
C LEU A 1044 -1.95 5.63 -21.82
N SER A 1045 -2.68 4.56 -22.10
CA SER A 1045 -3.79 4.59 -23.03
C SER A 1045 -5.12 4.68 -22.28
N LYS A 1046 -6.14 5.15 -23.00
CA LYS A 1046 -7.46 5.31 -22.41
C LYS A 1046 -8.22 4.00 -22.30
N GLN A 1047 -7.83 2.98 -23.06
CA GLN A 1047 -8.48 1.68 -23.00
C GLN A 1047 -7.82 0.81 -21.94
N ARG A 1048 -8.63 0.13 -21.16
CA ARG A 1048 -8.13 -0.70 -20.08
C ARG A 1048 -8.20 -2.18 -20.45
N PRO A 1049 -7.30 -3.01 -19.89
CA PRO A 1049 -7.34 -4.43 -20.20
C PRO A 1049 -8.59 -5.13 -19.68
N GLN A 1050 -8.69 -6.43 -19.91
CA GLN A 1050 -9.82 -7.21 -19.43
C GLN A 1050 -9.53 -7.75 -18.03
N SER A 1051 -10.60 -7.93 -17.27
CA SER A 1051 -10.53 -8.45 -15.89
C SER A 1051 -11.07 -9.88 -15.90
N GLY A 1052 -10.17 -10.84 -16.00
CA GLY A 1052 -10.55 -12.24 -15.98
C GLY A 1052 -10.83 -12.79 -17.36
N ILE A 1053 -10.74 -14.12 -17.45
CA ILE A 1053 -10.93 -14.81 -18.73
C ILE A 1053 -12.39 -15.17 -18.99
N PHE A 1054 -13.21 -15.31 -17.96
CA PHE A 1054 -14.59 -15.76 -18.10
C PHE A 1054 -15.48 -14.58 -18.46
N ASN A 1055 -15.77 -14.44 -19.75
CA ASN A 1055 -16.70 -13.42 -20.25
C ASN A 1055 -17.22 -13.91 -21.60
N VAL A 1056 -17.83 -13.02 -22.37
CA VAL A 1056 -18.37 -13.40 -23.66
C VAL A 1056 -17.29 -13.39 -24.74
N TYR A 1057 -16.51 -12.30 -24.80
CA TYR A 1057 -15.56 -12.12 -25.88
C TYR A 1057 -14.49 -13.22 -25.87
N ILE A 1058 -13.79 -13.38 -24.76
CA ILE A 1058 -12.67 -14.31 -24.71
C ILE A 1058 -13.14 -15.74 -24.86
N MET A 1059 -14.20 -16.12 -24.16
CA MET A 1059 -14.70 -17.48 -24.24
C MET A 1059 -15.19 -17.80 -25.64
N GLY A 1060 -15.93 -16.87 -26.25
CA GLY A 1060 -16.38 -17.08 -27.62
C GLY A 1060 -15.23 -17.23 -28.59
N SER A 1061 -14.19 -16.39 -28.46
CA SER A 1061 -13.04 -16.50 -29.35
C SER A 1061 -12.31 -17.83 -29.18
N ILE A 1062 -12.16 -18.28 -27.93
CA ILE A 1062 -11.49 -19.55 -27.67
C ILE A 1062 -12.27 -20.69 -28.30
N LEU A 1063 -13.58 -20.74 -28.04
CA LEU A 1063 -14.40 -21.83 -28.57
C LEU A 1063 -14.41 -21.82 -30.08
N SER A 1064 -14.42 -20.63 -30.70
CA SER A 1064 -14.46 -20.57 -32.15
C SER A 1064 -13.14 -21.01 -32.78
N GLN A 1065 -12.01 -20.60 -32.18
CA GLN A 1065 -10.73 -21.07 -32.69
C GLN A 1065 -10.62 -22.58 -32.58
N PHE A 1066 -11.08 -23.14 -31.45
CA PHE A 1066 -11.07 -24.60 -31.31
C PHE A 1066 -11.95 -25.27 -32.36
N ALA A 1067 -13.12 -24.69 -32.64
CA ALA A 1067 -14.01 -25.28 -33.64
C ALA A 1067 -13.37 -25.24 -35.03
N VAL A 1068 -12.70 -24.15 -35.37
CA VAL A 1068 -12.04 -24.06 -36.67
C VAL A 1068 -10.93 -25.10 -36.78
N HIS A 1069 -10.12 -25.25 -35.73
CA HIS A 1069 -9.05 -26.24 -35.76
C HIS A 1069 -9.62 -27.64 -35.91
N ILE A 1070 -10.70 -27.96 -35.18
CA ILE A 1070 -11.30 -29.29 -35.26
C ILE A 1070 -11.84 -29.55 -36.66
N ALA A 1071 -12.51 -28.55 -37.25
CA ALA A 1071 -13.04 -28.73 -38.59
C ALA A 1071 -11.93 -28.98 -39.61
N THR A 1072 -10.83 -28.22 -39.50
CA THR A 1072 -9.72 -28.43 -40.42
C THR A 1072 -9.14 -29.84 -40.27
N LEU A 1073 -8.95 -30.29 -39.02
CA LEU A 1073 -8.38 -31.61 -38.80
C LEU A 1073 -9.30 -32.71 -39.32
N VAL A 1074 -10.60 -32.57 -39.12
CA VAL A 1074 -11.55 -33.55 -39.63
C VAL A 1074 -11.55 -33.56 -41.16
N TYR A 1075 -11.45 -32.39 -41.77
CA TYR A 1075 -11.40 -32.35 -43.24
C TYR A 1075 -10.18 -33.08 -43.76
N ILE A 1076 -9.01 -32.82 -43.17
CA ILE A 1076 -7.81 -33.47 -43.69
C ILE A 1076 -7.84 -34.97 -43.42
N THR A 1077 -8.43 -35.39 -42.30
CA THR A 1077 -8.54 -36.81 -42.02
C THR A 1077 -9.45 -37.51 -43.03
N THR A 1078 -10.59 -36.88 -43.35
CA THR A 1078 -11.48 -37.44 -44.35
C THR A 1078 -10.81 -37.49 -45.72
N GLU A 1079 -10.06 -36.43 -46.07
CA GLU A 1079 -9.34 -36.44 -47.34
C GLU A 1079 -8.35 -37.58 -47.40
N ILE A 1080 -7.54 -37.76 -46.36
CA ILE A 1080 -6.53 -38.81 -46.36
C ILE A 1080 -7.20 -40.19 -46.43
N TYR A 1081 -8.27 -40.39 -45.66
CA TYR A 1081 -8.98 -41.67 -45.72
C TYR A 1081 -9.60 -41.91 -47.09
N LYS A 1082 -9.89 -40.84 -47.83
CA LYS A 1082 -10.29 -41.02 -49.22
C LYS A 1082 -9.11 -41.45 -50.07
N LEU A 1083 -7.92 -40.88 -49.81
CA LEU A 1083 -6.74 -41.25 -50.59
C LEU A 1083 -6.32 -42.69 -50.31
N GLU A 1084 -5.94 -42.98 -49.07
CA GLU A 1084 -5.47 -44.31 -48.70
C GLU A 1084 -6.55 -45.07 -47.95
N PRO A 1085 -6.48 -46.40 -47.93
CA PRO A 1085 -7.52 -47.19 -47.24
C PRO A 1085 -7.64 -46.83 -45.77
N ARG A 1086 -8.77 -47.24 -45.19
CA ARG A 1086 -9.09 -46.87 -43.81
C ARG A 1086 -8.54 -47.85 -42.79
N GLU A 1087 -8.44 -49.14 -43.13
CA GLU A 1087 -7.91 -50.17 -42.25
C GLU A 1087 -8.72 -50.23 -40.95
N PRO A 1088 -9.95 -50.75 -40.99
CA PRO A 1088 -10.77 -50.80 -39.77
C PRO A 1088 -10.08 -51.46 -38.59
N GLN A 1089 -9.38 -52.57 -38.81
CA GLN A 1089 -8.66 -53.24 -37.74
C GLN A 1089 -7.36 -52.50 -37.47
N VAL A 1090 -7.19 -52.00 -36.23
CA VAL A 1090 -6.02 -51.23 -35.85
C VAL A 1090 -5.64 -51.61 -34.42
N ASP A 1091 -4.35 -51.41 -34.10
CA ASP A 1091 -3.82 -51.69 -32.78
C ASP A 1091 -3.03 -50.49 -32.28
N LEU A 1092 -3.06 -50.29 -30.98
CA LEU A 1092 -2.39 -49.16 -30.33
C LEU A 1092 -1.03 -49.52 -29.78
N GLU A 1093 -0.62 -50.79 -29.83
CA GLU A 1093 0.65 -51.22 -29.29
C GLU A 1093 1.76 -51.27 -30.33
N LYS A 1094 1.44 -51.07 -31.61
CA LYS A 1094 2.45 -51.10 -32.64
C LYS A 1094 3.37 -49.89 -32.54
N GLU A 1095 4.58 -50.04 -33.09
CA GLU A 1095 5.58 -49.00 -33.00
C GLU A 1095 5.48 -48.05 -34.19
N PHE A 1096 6.35 -47.05 -34.22
CA PHE A 1096 6.27 -45.99 -35.22
C PHE A 1096 6.60 -46.51 -36.61
N ALA A 1097 5.78 -46.14 -37.59
CA ALA A 1097 5.97 -46.55 -38.97
C ALA A 1097 5.77 -45.34 -39.88
N PRO A 1098 6.72 -45.05 -40.77
CA PRO A 1098 6.56 -43.91 -41.70
C PRO A 1098 5.40 -44.15 -42.65
N SER A 1099 4.38 -43.28 -42.56
CA SER A 1099 3.21 -43.37 -43.42
C SER A 1099 2.82 -41.96 -43.85
N LEU A 1100 1.72 -41.87 -44.61
CA LEU A 1100 1.26 -40.59 -45.10
C LEU A 1100 0.41 -39.85 -44.08
N LEU A 1101 -0.39 -40.60 -43.31
CA LEU A 1101 -1.27 -39.99 -42.32
C LEU A 1101 -0.47 -39.25 -41.25
N ASN A 1102 0.67 -39.82 -40.85
CA ASN A 1102 1.51 -39.18 -39.85
C ASN A 1102 1.99 -37.81 -40.32
N THR A 1103 2.44 -37.72 -41.56
CA THR A 1103 2.90 -36.44 -42.09
C THR A 1103 1.74 -35.45 -42.24
N GLY A 1104 0.64 -35.91 -42.85
CA GLY A 1104 -0.50 -35.04 -43.07
C GLY A 1104 -1.11 -34.52 -41.79
N ILE A 1105 -0.91 -35.23 -40.68
CA ILE A 1105 -1.39 -34.74 -39.39
C ILE A 1105 -0.33 -33.88 -38.70
N PHE A 1106 0.94 -34.25 -38.80
CA PHE A 1106 1.99 -33.50 -38.11
C PHE A 1106 2.13 -32.09 -38.66
N ILE A 1107 1.98 -31.93 -39.97
CA ILE A 1107 2.11 -30.60 -40.57
C ILE A 1107 1.02 -29.68 -40.02
N ILE A 1108 -0.22 -30.17 -39.97
CA ILE A 1108 -1.30 -29.36 -39.43
C ILE A 1108 -1.11 -29.13 -37.94
N GLN A 1109 -0.52 -30.09 -37.22
CA GLN A 1109 -0.22 -29.86 -35.81
C GLN A 1109 0.71 -28.66 -35.65
N LEU A 1110 1.78 -28.62 -36.44
CA LEU A 1110 2.69 -27.49 -36.38
C LEU A 1110 1.99 -26.18 -36.74
N VAL A 1111 1.16 -26.20 -37.78
CA VAL A 1111 0.50 -24.97 -38.22
C VAL A 1111 -0.46 -24.45 -37.15
N GLN A 1112 -1.17 -25.36 -36.49
CA GLN A 1112 -2.08 -24.93 -35.43
C GLN A 1112 -1.33 -24.40 -34.22
N GLN A 1113 -0.23 -25.05 -33.85
CA GLN A 1113 0.55 -24.55 -32.73
C GLN A 1113 1.26 -23.24 -33.06
N VAL A 1114 1.42 -22.92 -34.35
CA VAL A 1114 1.90 -21.59 -34.73
C VAL A 1114 0.78 -20.56 -34.63
N SER A 1115 -0.38 -20.89 -35.18
CA SER A 1115 -1.48 -19.92 -35.23
C SER A 1115 -1.97 -19.56 -33.84
N THR A 1116 -1.97 -20.53 -32.92
CA THR A 1116 -2.48 -20.26 -31.57
C THR A 1116 -1.67 -19.19 -30.85
N PHE A 1117 -0.42 -18.95 -31.26
CA PHE A 1117 0.35 -17.83 -30.74
C PHE A 1117 0.22 -16.60 -31.62
N ALA A 1118 0.35 -16.79 -32.94
CA ALA A 1118 0.40 -15.65 -33.85
C ALA A 1118 -0.91 -14.87 -33.86
N VAL A 1119 -2.02 -15.50 -33.51
CA VAL A 1119 -3.31 -14.81 -33.54
C VAL A 1119 -3.67 -14.23 -32.19
N ASN A 1120 -3.32 -14.91 -31.10
CA ASN A 1120 -3.76 -14.52 -29.77
C ASN A 1120 -2.74 -13.72 -28.98
N TYR A 1121 -1.51 -13.58 -29.47
CA TYR A 1121 -0.51 -12.86 -28.68
C TYR A 1121 -0.67 -11.35 -28.82
N GLN A 1122 -0.90 -10.87 -30.04
CA GLN A 1122 -0.68 -9.46 -30.37
C GLN A 1122 -1.52 -8.50 -29.55
N GLY A 1123 -0.86 -7.76 -28.65
CA GLY A 1123 -1.50 -6.63 -27.99
C GLY A 1123 -0.71 -5.36 -28.21
N GLU A 1124 -1.26 -4.44 -29.00
CA GLU A 1124 -0.55 -3.22 -29.36
C GLU A 1124 -0.66 -2.11 -28.32
N PRO A 1125 -1.86 -1.76 -27.82
CA PRO A 1125 -1.94 -0.57 -26.96
C PRO A 1125 -1.23 -0.73 -25.63
N PHE A 1126 -1.08 -1.94 -25.12
CA PHE A 1126 -0.59 -2.14 -23.77
C PHE A 1126 0.89 -2.52 -23.70
N ARG A 1127 1.45 -3.05 -24.78
CA ARG A 1127 2.89 -3.31 -24.81
C ARG A 1127 3.38 -3.27 -26.25
N GLU A 1128 4.69 -3.35 -26.41
CA GLU A 1128 5.30 -3.20 -27.72
C GLU A 1128 4.86 -4.32 -28.66
N ASN A 1129 5.06 -4.09 -29.95
CA ASN A 1129 4.57 -4.98 -30.98
C ASN A 1129 5.26 -6.34 -30.91
N ILE A 1130 4.77 -7.28 -31.72
CA ILE A 1130 5.33 -8.63 -31.72
C ILE A 1130 6.72 -8.64 -32.35
N ARG A 1131 6.97 -7.76 -33.31
CA ARG A 1131 8.27 -7.73 -33.99
C ARG A 1131 9.38 -7.31 -33.05
N SER A 1132 9.07 -6.57 -31.98
CA SER A 1132 10.07 -6.19 -31.00
C SER A 1132 10.43 -7.32 -30.05
N ASN A 1133 9.64 -8.39 -30.03
CA ASN A 1133 9.95 -9.58 -29.24
C ASN A 1133 10.76 -10.51 -30.14
N LYS A 1134 12.08 -10.47 -30.00
CA LYS A 1134 12.94 -11.19 -30.95
C LYS A 1134 12.83 -12.69 -30.80
N GLY A 1135 12.80 -13.18 -29.55
CA GLY A 1135 12.77 -14.61 -29.30
C GLY A 1135 11.56 -15.32 -29.88
N MET A 1136 10.36 -14.88 -29.49
CA MET A 1136 9.15 -15.53 -29.97
C MET A 1136 8.99 -15.35 -31.47
N TYR A 1137 9.39 -14.19 -32.00
CA TYR A 1137 9.30 -13.96 -33.44
C TYR A 1137 10.19 -14.94 -34.19
N TYR A 1138 11.44 -15.10 -33.76
CA TYR A 1138 12.34 -16.06 -34.39
C TYR A 1138 11.79 -17.47 -34.27
N GLY A 1139 11.22 -17.81 -33.11
CA GLY A 1139 10.68 -19.15 -32.94
C GLY A 1139 9.53 -19.45 -33.90
N LEU A 1140 8.56 -18.53 -34.00
CA LEU A 1140 7.45 -18.74 -34.92
C LEU A 1140 7.92 -18.78 -36.36
N LEU A 1141 8.87 -17.91 -36.71
CA LEU A 1141 9.40 -17.92 -38.08
C LEU A 1141 10.05 -19.26 -38.39
N GLY A 1142 10.85 -19.78 -37.45
CA GLY A 1142 11.50 -21.06 -37.68
C GLY A 1142 10.50 -22.20 -37.81
N VAL A 1143 9.48 -22.22 -36.96
CA VAL A 1143 8.52 -23.32 -37.00
C VAL A 1143 7.72 -23.27 -38.29
N THR A 1144 7.23 -22.09 -38.68
CA THR A 1144 6.45 -22.01 -39.91
C THR A 1144 7.33 -22.29 -41.13
N GLY A 1145 8.62 -21.91 -41.09
CA GLY A 1145 9.49 -22.23 -42.19
C GLY A 1145 9.74 -23.73 -42.31
N LEU A 1146 9.96 -24.40 -41.18
CA LEU A 1146 10.12 -25.85 -41.19
C LEU A 1146 8.88 -26.53 -41.74
N ALA A 1147 7.69 -26.10 -41.29
CA ALA A 1147 6.47 -26.72 -41.76
C ALA A 1147 6.25 -26.49 -43.25
N LEU A 1148 6.49 -25.26 -43.72
CA LEU A 1148 6.25 -24.96 -45.13
C LEU A 1148 7.29 -25.62 -46.03
N ALA A 1149 8.51 -25.85 -45.52
CA ALA A 1149 9.52 -26.53 -46.31
C ALA A 1149 9.31 -28.03 -46.31
N SER A 1150 8.75 -28.59 -45.25
CA SER A 1150 8.42 -30.01 -45.24
C SER A 1150 7.15 -30.31 -46.00
N ALA A 1151 6.23 -29.35 -46.13
CA ALA A 1151 5.00 -29.59 -46.86
C ALA A 1151 5.25 -29.75 -48.35
N THR A 1152 5.91 -28.76 -48.96
CA THR A 1152 6.19 -28.78 -50.39
C THR A 1152 7.45 -29.55 -50.74
N GLU A 1153 8.13 -30.12 -49.75
CA GLU A 1153 9.37 -30.87 -49.95
C GLU A 1153 10.39 -30.04 -50.72
N PHE A 1154 10.81 -28.93 -50.10
CA PHE A 1154 11.81 -28.07 -50.71
C PHE A 1154 13.21 -28.68 -50.60
N LEU A 1155 13.53 -29.28 -49.46
CA LEU A 1155 14.80 -29.97 -49.26
C LEU A 1155 14.52 -31.45 -49.04
N PRO A 1156 14.71 -32.30 -50.04
CA PRO A 1156 14.46 -33.74 -49.84
C PRO A 1156 15.37 -34.35 -48.78
N GLU A 1157 16.58 -33.81 -48.60
CA GLU A 1157 17.50 -34.39 -47.62
C GLU A 1157 16.94 -34.29 -46.21
N LEU A 1158 16.41 -33.12 -45.84
CA LEU A 1158 15.82 -32.97 -44.51
C LEU A 1158 14.55 -33.80 -44.35
N ASN A 1159 13.79 -33.97 -45.44
CA ASN A 1159 12.60 -34.81 -45.36
C ASN A 1159 12.97 -36.27 -45.11
N GLU A 1160 14.00 -36.77 -45.79
CA GLU A 1160 14.45 -38.13 -45.52
C GLU A 1160 15.11 -38.25 -44.16
N ALA A 1161 15.68 -37.15 -43.66
CA ALA A 1161 16.24 -37.14 -42.31
C ALA A 1161 15.19 -36.97 -41.23
N MET A 1162 13.97 -36.55 -41.60
CA MET A 1162 12.88 -36.36 -40.66
C MET A 1162 11.87 -37.49 -40.74
N LYS A 1163 12.19 -38.54 -41.51
CA LYS A 1163 11.32 -39.71 -41.67
C LYS A 1163 9.94 -39.32 -42.21
N PHE A 1164 9.93 -38.48 -43.23
CA PHE A 1164 8.69 -38.08 -43.90
C PHE A 1164 8.65 -38.74 -45.27
N VAL A 1165 7.58 -39.47 -45.55
CA VAL A 1165 7.44 -40.21 -46.81
C VAL A 1165 7.09 -39.23 -47.92
N PRO A 1166 7.48 -39.50 -49.16
CA PRO A 1166 7.07 -38.64 -50.27
C PRO A 1166 5.58 -38.77 -50.54
N MET A 1167 5.02 -37.72 -51.13
CA MET A 1167 3.59 -37.64 -51.41
C MET A 1167 3.39 -37.14 -52.83
N THR A 1168 2.13 -37.17 -53.27
CA THR A 1168 1.77 -36.71 -54.61
C THR A 1168 1.68 -35.19 -54.58
N ASP A 1169 1.38 -34.57 -55.73
CA ASP A 1169 1.29 -33.12 -55.82
C ASP A 1169 -0.09 -32.60 -55.44
N ASP A 1170 -1.16 -33.29 -55.84
CA ASP A 1170 -2.50 -32.84 -55.53
C ASP A 1170 -2.74 -32.80 -54.03
N PHE A 1171 -2.28 -33.82 -53.31
CA PHE A 1171 -2.46 -33.84 -51.86
C PHE A 1171 -1.66 -32.72 -51.20
N LYS A 1172 -0.45 -32.46 -51.68
CA LYS A 1172 0.33 -31.37 -51.09
C LYS A 1172 -0.34 -30.02 -51.33
N ILE A 1173 -0.91 -29.83 -52.52
CA ILE A 1173 -1.63 -28.59 -52.80
C ILE A 1173 -2.84 -28.45 -51.88
N LYS A 1174 -3.61 -29.53 -51.74
CA LYS A 1174 -4.77 -29.51 -50.86
C LYS A 1174 -4.37 -29.19 -49.42
N LEU A 1175 -3.28 -29.81 -48.95
CA LEU A 1175 -2.83 -29.58 -47.59
C LEU A 1175 -2.38 -28.13 -47.38
N THR A 1176 -1.65 -27.57 -48.34
CA THR A 1176 -1.21 -26.19 -48.19
C THR A 1176 -2.39 -25.23 -48.18
N LEU A 1177 -3.35 -25.44 -49.08
CA LEU A 1177 -4.54 -24.60 -49.08
C LEU A 1177 -5.30 -24.72 -47.76
N THR A 1178 -5.37 -25.93 -47.21
CA THR A 1178 -6.06 -26.12 -45.94
C THR A 1178 -5.35 -25.40 -44.80
N LEU A 1179 -4.01 -25.44 -44.79
CA LEU A 1179 -3.25 -24.69 -43.79
C LEU A 1179 -3.56 -23.20 -43.88
N LEU A 1180 -3.49 -22.65 -45.08
CA LEU A 1180 -3.74 -21.22 -45.25
C LEU A 1180 -5.15 -20.86 -44.79
N LEU A 1181 -6.14 -21.68 -45.18
CA LEU A 1181 -7.52 -21.39 -44.79
C LEU A 1181 -7.70 -21.48 -43.29
N ASP A 1182 -7.06 -22.45 -42.64
CA ASP A 1182 -7.14 -22.57 -41.18
C ASP A 1182 -6.59 -21.32 -40.51
N PHE A 1183 -5.37 -20.92 -40.87
CA PHE A 1183 -4.76 -19.75 -40.25
C PHE A 1183 -5.63 -18.51 -40.45
N PHE A 1184 -6.03 -18.25 -41.70
CA PHE A 1184 -6.76 -17.02 -41.98
C PHE A 1184 -8.14 -17.03 -41.35
N GLY A 1185 -8.80 -18.18 -41.30
CA GLY A 1185 -10.12 -18.24 -40.69
C GLY A 1185 -10.06 -18.03 -39.19
N SER A 1186 -9.08 -18.63 -38.52
CA SER A 1186 -8.93 -18.41 -37.08
C SER A 1186 -8.65 -16.93 -36.79
N TRP A 1187 -7.70 -16.34 -37.54
CA TRP A 1187 -7.41 -14.92 -37.36
C TRP A 1187 -8.65 -14.06 -37.61
N GLY A 1188 -9.40 -14.38 -38.67
CA GLY A 1188 -10.56 -13.58 -39.02
C GLY A 1188 -11.65 -13.63 -37.97
N VAL A 1189 -11.92 -14.82 -37.43
CA VAL A 1189 -13.01 -14.91 -36.46
C VAL A 1189 -12.58 -14.33 -35.11
N GLU A 1190 -11.30 -14.47 -34.75
CA GLU A 1190 -10.82 -13.81 -33.54
C GLU A 1190 -10.97 -12.30 -33.67
N HIS A 1191 -10.58 -11.75 -34.83
CA HIS A 1191 -10.75 -10.32 -35.06
C HIS A 1191 -12.22 -9.92 -35.08
N PHE A 1192 -13.08 -10.79 -35.59
CA PHE A 1192 -14.53 -10.53 -35.58
C PHE A 1192 -15.04 -10.35 -34.16
N PHE A 1193 -14.71 -11.30 -33.28
CA PHE A 1193 -15.17 -11.18 -31.90
C PHE A 1193 -14.55 -9.98 -31.20
N LYS A 1194 -13.25 -9.74 -31.41
CA LYS A 1194 -12.60 -8.60 -30.76
C LYS A 1194 -13.13 -7.28 -31.28
N PHE A 1195 -13.66 -7.25 -32.49
CA PHE A 1195 -14.23 -6.04 -33.06
C PHE A 1195 -15.67 -5.84 -32.63
N PHE A 1196 -16.42 -6.91 -32.37
CA PHE A 1196 -17.83 -6.74 -32.05
C PHE A 1196 -18.13 -6.67 -30.57
N PHE A 1197 -17.42 -7.41 -29.72
CA PHE A 1197 -17.78 -7.47 -28.30
C PHE A 1197 -16.58 -7.24 -27.40
N MET A 1198 -15.80 -6.19 -27.69
CA MET A 1198 -14.62 -5.91 -26.86
C MET A 1198 -15.02 -5.29 -25.53
N ASP A 1199 -15.67 -4.13 -25.57
CA ASP A 1199 -16.23 -3.47 -24.39
C ASP A 1199 -15.13 -3.15 -23.37
N ASP A 1200 -14.24 -2.25 -23.78
CA ASP A 1200 -13.22 -1.69 -22.89
C ASP A 1200 -13.58 -0.22 -22.67
N LYS A 1201 -14.45 0.04 -21.70
CA LYS A 1201 -14.96 1.38 -21.47
C LYS A 1201 -14.60 1.87 -20.08
N PRO A 1202 -14.14 3.11 -19.94
CA PRO A 1202 -13.90 3.67 -18.61
C PRO A 1202 -15.21 3.90 -17.87
N SER A 1203 -15.08 4.05 -16.54
CA SER A 1203 -16.24 4.20 -15.68
C SER A 1203 -16.92 5.55 -15.94
N ASP A 1204 -18.04 5.77 -15.23
CA ASP A 1204 -18.77 7.02 -15.38
C ASP A 1204 -18.12 8.17 -14.63
N ILE A 1205 -17.40 7.86 -13.54
CA ILE A 1205 -16.73 8.91 -12.77
C ILE A 1205 -15.45 9.38 -13.44
N SER A 1206 -14.97 8.67 -14.46
CA SER A 1206 -13.73 9.04 -15.13
C SER A 1206 -13.92 10.05 -16.25
N VAL A 1207 -15.13 10.16 -16.80
CA VAL A 1207 -15.36 11.13 -17.87
C VAL A 1207 -15.27 12.54 -17.31
N GLN A 1208 -14.77 13.46 -18.13
CA GLN A 1208 -14.55 14.85 -17.73
C GLN A 1208 -15.32 15.74 -18.70
N GLN A 1209 -16.35 16.41 -18.18
CA GLN A 1209 -17.22 17.26 -18.98
C GLN A 1209 -17.09 18.71 -18.54
N VAL A 1210 -17.10 19.62 -19.52
CA VAL A 1210 -16.91 21.04 -19.22
C VAL A 1210 -18.15 21.57 -18.50
N LYS A 1211 -17.91 22.51 -17.58
CA LYS A 1211 -18.99 23.07 -16.78
C LYS A 1211 -19.17 24.55 -17.09
N UNK B 1 21.53 -13.92 -6.32
CA UNK B 1 22.10 -15.26 -6.36
C UNK B 1 21.02 -16.33 -6.25
N UNK B 2 20.17 -16.20 -5.22
CA UNK B 2 19.11 -17.17 -5.03
C UNK B 2 18.09 -17.11 -6.17
N UNK B 3 17.75 -15.89 -6.61
CA UNK B 3 16.81 -15.76 -7.72
C UNK B 3 17.40 -16.31 -9.02
N UNK B 4 18.69 -16.08 -9.25
CA UNK B 4 19.32 -16.63 -10.44
C UNK B 4 19.38 -18.15 -10.40
N UNK B 5 19.68 -18.71 -9.23
CA UNK B 5 19.67 -20.17 -9.09
C UNK B 5 18.28 -20.73 -9.31
N UNK B 6 17.25 -20.05 -8.80
CA UNK B 6 15.88 -20.50 -9.02
C UNK B 6 15.51 -20.44 -10.50
N UNK B 7 15.92 -19.38 -11.19
CA UNK B 7 15.64 -19.27 -12.62
C UNK B 7 16.36 -20.36 -13.40
N UNK B 8 17.61 -20.67 -13.03
CA UNK B 8 18.35 -21.73 -13.72
C UNK B 8 17.70 -23.09 -13.47
N UNK B 9 17.28 -23.35 -12.23
CA UNK B 9 16.61 -24.62 -11.94
C UNK B 9 15.29 -24.72 -12.69
N UNK B 10 14.55 -23.61 -12.81
CA UNK B 10 13.29 -23.63 -13.53
C UNK B 10 13.52 -23.86 -15.03
N UNK B 11 14.57 -23.25 -15.60
CA UNK B 11 14.88 -23.49 -17.00
C UNK B 11 15.30 -24.95 -17.23
N UNK B 12 16.08 -25.51 -16.30
CA UNK B 12 16.46 -26.92 -16.41
C UNK B 12 15.24 -27.83 -16.31
N UNK B 13 14.29 -27.48 -15.44
CA UNK B 13 13.08 -28.27 -15.32
C UNK B 13 12.22 -28.15 -16.58
N UNK B 14 12.19 -26.96 -17.19
CA UNK B 14 11.48 -26.80 -18.45
C UNK B 14 12.11 -27.66 -19.55
N UNK B 15 13.44 -27.69 -19.60
CA UNK B 15 14.12 -28.54 -20.58
C UNK B 15 13.82 -30.01 -20.33
N UNK B 16 13.83 -30.43 -19.06
CA UNK B 16 13.54 -31.82 -18.73
C UNK B 16 12.09 -32.18 -19.09
N UNK B 17 11.16 -31.24 -18.89
CA UNK B 17 9.76 -31.49 -19.24
C UNK B 17 9.58 -31.56 -20.75
N UNK B 18 10.30 -30.72 -21.49
CA UNK B 18 10.25 -30.80 -22.96
C UNK B 18 10.85 -32.09 -23.46
N UNK B 19 11.89 -32.59 -22.79
CA UNK B 19 12.47 -33.87 -23.16
C UNK B 19 11.53 -35.03 -22.85
N UNK B 20 10.84 -34.96 -21.71
CA UNK B 20 9.92 -36.01 -21.31
C UNK B 20 8.47 -35.52 -21.44
BE BEF C . -2.32 14.59 4.10
F1 BEF C . -1.05 14.00 4.72
F2 BEF C . -2.41 16.14 4.26
F3 BEF C . -3.58 13.98 4.77
MG MG D . 0.84 13.51 4.63
#